data_8HWI
#
_entry.id   8HWI
#
_cell.length_a   67.987
_cell.length_b   72.489
_cell.length_c   231.066
_cell.angle_alpha   90.00
_cell.angle_beta   90.00
_cell.angle_gamma   90.00
#
_symmetry.space_group_name_H-M   'P 21 21 21'
#
loop_
_entity.id
_entity.type
_entity.pdbx_description
1 polymer 'CD-NTase-associated protein 12'
2 non-polymer "9,9'-[(2R,3R,3aS,5S,7aR,9R,10R,10aS,12S,14aR)-3,5,10,12-tetrahydroxy-5,12-dioxidooctahydro-2H,7H-difuro[3,2-d:3',2'-j][1,3,7,9,2,8]tetraoxadiphosphacyclododecine-2,9-diyl]bis(2-amino-1,9-dihydro-6H-purin-6-one)"
3 water water
#
_entity_poly.entity_id   1
_entity_poly.type   'polypeptide(L)'
_entity_poly.pdbx_seq_one_letter_code
;GGGMFNYTVLPSTSLAVGYYYNFLREILEAFNNQKSIQIILERDRTGKPTKTIDYEIKKPYPTIEIRVPQNLASLKKEVL
TWNTSEYKQIFINAASRTYPFFLQGEFKEDQILSIFDIPTTLYASYLTIKELFTDSFLKTQNNERKLINKEIRNFERTLS
KLIDDTIEEKFYKFTIY
;
_entity_poly.pdbx_strand_id   A,B,C,D,E,F
#
# COMPACT_ATOMS: atom_id res chain seq x y z
N PHE A 5 -1.97 1.89 -6.90
CA PHE A 5 -3.33 2.05 -6.36
C PHE A 5 -3.45 3.39 -5.64
N ASN A 6 -4.68 3.65 -5.22
CA ASN A 6 -5.10 4.77 -4.35
C ASN A 6 -5.20 4.20 -2.93
N TYR A 7 -5.75 3.00 -2.79
CA TYR A 7 -6.09 2.36 -1.49
C TYR A 7 -4.95 1.46 -1.02
N THR A 8 -4.66 1.50 0.28
CA THR A 8 -3.73 0.55 0.94
C THR A 8 -4.42 -0.82 0.94
N VAL A 9 -3.71 -1.88 0.53
CA VAL A 9 -4.18 -3.30 0.63
C VAL A 9 -3.16 -4.11 1.42
N LEU A 10 -3.58 -4.77 2.49
CA LEU A 10 -2.74 -5.77 3.17
C LEU A 10 -2.69 -7.03 2.31
N PRO A 11 -1.57 -7.77 2.33
CA PRO A 11 -1.43 -8.96 1.50
C PRO A 11 -2.57 -9.98 1.66
N SER A 12 -3.05 -10.22 2.88
CA SER A 12 -4.06 -11.27 3.14
C SER A 12 -5.45 -10.82 2.67
N THR A 13 -5.64 -9.55 2.32
CA THR A 13 -6.96 -9.07 1.85
C THR A 13 -7.37 -9.82 0.58
N SER A 14 -6.57 -9.73 -0.48
CA SER A 14 -6.87 -10.37 -1.79
C SER A 14 -6.92 -11.89 -1.59
N LEU A 15 -6.06 -12.43 -0.73
CA LEU A 15 -6.07 -13.89 -0.42
C LEU A 15 -7.45 -14.22 0.13
N ALA A 16 -8.01 -13.38 1.00
CA ALA A 16 -9.33 -13.62 1.64
C ALA A 16 -10.43 -13.55 0.57
N VAL A 17 -10.35 -12.56 -0.30
CA VAL A 17 -11.35 -12.41 -1.39
C VAL A 17 -11.38 -13.74 -2.15
N GLY A 18 -10.21 -14.22 -2.55
CA GLY A 18 -10.10 -15.45 -3.38
C GLY A 18 -10.61 -16.66 -2.62
N TYR A 19 -10.31 -16.73 -1.34
CA TYR A 19 -10.65 -17.90 -0.51
C TYR A 19 -12.18 -17.98 -0.39
N TYR A 20 -12.84 -16.83 -0.23
CA TYR A 20 -14.31 -16.73 -0.11
C TYR A 20 -14.94 -17.09 -1.47
N TYR A 21 -14.56 -16.41 -2.55
CA TYR A 21 -15.29 -16.48 -3.83
C TYR A 21 -14.89 -17.71 -4.64
N ASN A 22 -13.67 -18.24 -4.48
CA ASN A 22 -13.19 -19.37 -5.32
C ASN A 22 -13.16 -20.66 -4.49
N PHE A 23 -13.62 -20.63 -3.24
CA PHE A 23 -13.67 -21.85 -2.41
C PHE A 23 -14.95 -21.86 -1.56
N LEU A 24 -15.10 -20.96 -0.57
CA LEU A 24 -16.15 -21.08 0.48
C LEU A 24 -17.56 -20.93 -0.10
N ARG A 25 -17.78 -19.91 -0.92
CA ARG A 25 -19.09 -19.62 -1.57
C ARG A 25 -19.41 -20.74 -2.57
N GLU A 26 -18.39 -21.33 -3.20
CA GLU A 26 -18.55 -22.41 -4.20
C GLU A 26 -19.08 -23.65 -3.46
N ILE A 27 -18.58 -23.88 -2.25
CA ILE A 27 -18.97 -25.04 -1.39
C ILE A 27 -20.40 -24.78 -0.90
N LEU A 28 -20.69 -23.55 -0.47
CA LEU A 28 -22.04 -23.17 0.01
C LEU A 28 -23.08 -23.37 -1.11
N GLU A 29 -22.79 -22.90 -2.34
CA GLU A 29 -23.71 -22.97 -3.50
C GLU A 29 -23.83 -24.40 -4.02
N ALA A 30 -22.77 -25.21 -3.86
CA ALA A 30 -22.79 -26.65 -4.19
C ALA A 30 -23.69 -27.38 -3.19
N PHE A 31 -23.70 -26.93 -1.93
CA PHE A 31 -24.59 -27.46 -0.85
C PHE A 31 -26.06 -27.14 -1.19
N ASN A 32 -26.33 -25.88 -1.55
CA ASN A 32 -27.72 -25.38 -1.77
C ASN A 32 -28.30 -25.96 -3.06
N ASN A 33 -27.47 -26.52 -3.94
CA ASN A 33 -27.93 -27.16 -5.21
C ASN A 33 -27.91 -28.68 -5.05
N GLN A 34 -26.74 -29.29 -5.01
CA GLN A 34 -26.54 -30.77 -5.07
C GLN A 34 -27.02 -31.44 -3.79
N LYS A 35 -27.05 -30.70 -2.67
CA LYS A 35 -27.49 -31.21 -1.34
C LYS A 35 -26.79 -32.54 -1.04
N SER A 36 -25.58 -32.75 -1.54
CA SER A 36 -24.85 -34.03 -1.41
C SER A 36 -23.36 -33.83 -1.61
N ILE A 37 -22.58 -34.75 -1.04
CA ILE A 37 -21.10 -34.74 -0.96
C ILE A 37 -20.62 -36.17 -1.14
N GLN A 38 -19.38 -36.32 -1.62
CA GLN A 38 -18.75 -37.62 -1.87
C GLN A 38 -17.73 -37.84 -0.74
N ILE A 39 -17.82 -38.97 -0.06
CA ILE A 39 -16.84 -39.39 0.99
C ILE A 39 -15.96 -40.46 0.36
N ILE A 40 -14.65 -40.27 0.42
CA ILE A 40 -13.62 -41.24 -0.07
C ILE A 40 -13.28 -42.16 1.10
N LEU A 41 -13.43 -43.48 0.92
CA LEU A 41 -13.12 -44.49 1.98
C LEU A 41 -11.84 -45.26 1.66
N GLU A 42 -11.76 -45.88 0.49
CA GLU A 42 -10.55 -46.60 0.04
C GLU A 42 -9.98 -45.91 -1.21
N ARG A 43 -8.65 -45.79 -1.25
CA ARG A 43 -7.88 -45.10 -2.33
C ARG A 43 -6.72 -45.99 -2.76
N ASP A 44 -6.51 -46.16 -4.06
CA ASP A 44 -5.37 -46.97 -4.61
C ASP A 44 -4.10 -46.13 -4.48
N ARG A 45 -2.94 -46.67 -4.91
CA ARG A 45 -1.61 -46.00 -4.71
C ARG A 45 -1.51 -44.65 -5.41
N THR A 46 -2.03 -44.53 -6.62
CA THR A 46 -1.95 -43.28 -7.40
C THR A 46 -2.82 -42.22 -6.72
N GLY A 47 -3.32 -42.53 -5.51
CA GLY A 47 -4.25 -41.68 -4.73
C GLY A 47 -5.54 -41.46 -5.48
N LYS A 48 -6.12 -42.53 -6.02
CA LYS A 48 -7.36 -42.51 -6.82
C LYS A 48 -8.50 -43.03 -5.97
N PRO A 49 -9.66 -42.34 -5.93
CA PRO A 49 -10.83 -42.86 -5.22
C PRO A 49 -11.33 -44.15 -5.87
N THR A 50 -11.57 -45.17 -5.07
CA THR A 50 -12.07 -46.51 -5.49
C THR A 50 -13.43 -46.77 -4.84
N LYS A 51 -13.51 -46.64 -3.52
CA LYS A 51 -14.78 -46.76 -2.74
C LYS A 51 -15.23 -45.40 -2.23
N THR A 52 -16.35 -44.92 -2.79
CA THR A 52 -16.89 -43.56 -2.57
C THR A 52 -18.35 -43.69 -2.15
N ILE A 53 -18.69 -43.11 -1.00
CA ILE A 53 -20.08 -43.00 -0.46
C ILE A 53 -20.69 -41.68 -0.90
N ASP A 54 -21.96 -41.69 -1.33
CA ASP A 54 -22.83 -40.48 -1.42
C ASP A 54 -23.36 -40.19 -0.01
N TYR A 55 -23.34 -38.92 0.39
CA TYR A 55 -23.83 -38.47 1.71
C TYR A 55 -24.71 -37.24 1.49
N GLU A 56 -26.00 -37.39 1.78
CA GLU A 56 -27.01 -36.33 1.52
C GLU A 56 -26.78 -35.22 2.54
N ILE A 57 -26.60 -33.99 2.07
CA ILE A 57 -26.43 -32.81 2.97
C ILE A 57 -27.82 -32.35 3.36
N LYS A 58 -27.92 -31.58 4.45
CA LYS A 58 -29.23 -31.17 5.03
C LYS A 58 -29.22 -29.66 5.24
N LYS A 59 -30.40 -29.07 5.38
CA LYS A 59 -30.57 -27.61 5.65
C LYS A 59 -29.87 -27.25 6.96
N PRO A 60 -29.86 -28.11 8.00
CA PRO A 60 -28.93 -27.92 9.12
C PRO A 60 -27.50 -28.23 8.62
N TYR A 61 -26.95 -27.35 7.79
CA TYR A 61 -25.67 -27.59 7.08
C TYR A 61 -24.55 -27.72 8.09
N PRO A 62 -23.57 -28.63 7.85
CA PRO A 62 -22.43 -28.76 8.75
C PRO A 62 -21.62 -27.45 8.72
N THR A 63 -21.06 -27.05 9.85
CA THR A 63 -20.31 -25.76 9.94
C THR A 63 -18.90 -25.96 9.40
N ILE A 64 -18.49 -25.12 8.43
CA ILE A 64 -17.12 -25.13 7.82
C ILE A 64 -16.15 -24.46 8.79
N GLU A 65 -15.37 -25.25 9.50
CA GLU A 65 -14.42 -24.73 10.51
C GLU A 65 -13.07 -24.42 9.85
N ILE A 66 -12.76 -23.14 9.71
CA ILE A 66 -11.42 -22.66 9.23
C ILE A 66 -10.50 -22.62 10.44
N ARG A 67 -9.46 -23.44 10.44
CA ARG A 67 -8.45 -23.50 11.52
C ARG A 67 -7.12 -22.99 10.97
N VAL A 68 -6.52 -22.01 11.65
CA VAL A 68 -5.23 -21.40 11.24
C VAL A 68 -4.31 -21.45 12.45
N PRO A 69 -3.09 -22.01 12.31
CA PRO A 69 -2.14 -22.00 13.41
C PRO A 69 -1.48 -20.62 13.52
N GLN A 70 -1.28 -20.07 14.72
CA GLN A 70 -0.56 -18.79 14.87
C GLN A 70 0.80 -18.92 14.21
N ASN A 71 1.40 -20.10 14.35
CA ASN A 71 2.70 -20.37 13.67
C ASN A 71 2.42 -20.56 12.17
N LEU A 72 2.20 -19.46 11.47
CA LEU A 72 1.78 -19.53 10.06
C LEU A 72 2.88 -20.19 9.23
N ALA A 73 4.12 -20.15 9.71
CA ALA A 73 5.30 -20.74 9.02
C ALA A 73 5.23 -22.28 9.06
N SER A 74 4.36 -22.84 9.91
CA SER A 74 4.18 -24.30 10.08
C SER A 74 2.96 -24.81 9.30
N LEU A 75 2.27 -23.95 8.56
CA LEU A 75 0.96 -24.27 7.95
C LEU A 75 1.09 -25.43 6.96
N LYS A 76 2.13 -25.43 6.11
CA LYS A 76 2.33 -26.47 5.06
C LYS A 76 2.62 -27.83 5.72
N LYS A 77 3.11 -27.82 6.96
CA LYS A 77 3.32 -29.07 7.73
C LYS A 77 1.97 -29.45 8.34
N GLU A 78 1.26 -28.49 8.95
CA GLU A 78 -0.01 -28.74 9.68
C GLU A 78 -1.08 -29.29 8.73
N VAL A 79 -0.89 -29.19 7.41
CA VAL A 79 -1.89 -29.65 6.40
C VAL A 79 -1.63 -31.13 6.04
N LEU A 80 -0.51 -31.71 6.48
CA LEU A 80 -0.22 -33.15 6.30
C LEU A 80 -0.29 -33.89 7.65
N THR A 81 -0.31 -33.18 8.79
CA THR A 81 -0.29 -33.76 10.15
C THR A 81 -1.72 -33.98 10.66
N TRP A 82 -2.67 -33.09 10.35
CA TRP A 82 -4.10 -33.28 10.72
C TRP A 82 -4.74 -34.35 9.84
N ASN A 83 -3.99 -35.00 8.96
CA ASN A 83 -4.48 -36.14 8.15
C ASN A 83 -4.39 -37.41 9.00
N THR A 84 -5.51 -37.82 9.60
CA THR A 84 -5.60 -38.92 10.59
C THR A 84 -6.87 -39.74 10.36
N SER A 85 -6.85 -41.02 10.76
CA SER A 85 -7.95 -42.02 10.61
C SER A 85 -9.29 -41.46 11.14
N GLU A 86 -9.24 -40.58 12.14
CA GLU A 86 -10.45 -39.98 12.78
C GLU A 86 -11.18 -39.06 11.79
N TYR A 87 -10.43 -38.45 10.86
CA TYR A 87 -10.97 -37.58 9.79
C TYR A 87 -11.14 -38.43 8.53
N LYS A 88 -11.97 -37.98 7.61
CA LYS A 88 -12.06 -38.58 6.26
C LYS A 88 -12.11 -37.46 5.24
N GLN A 89 -11.48 -37.69 4.09
CA GLN A 89 -11.48 -36.71 2.98
C GLN A 89 -12.81 -36.84 2.24
N ILE A 90 -13.48 -35.71 2.04
CA ILE A 90 -14.74 -35.58 1.24
C ILE A 90 -14.43 -34.72 0.02
N PHE A 91 -15.26 -34.78 -1.00
CA PHE A 91 -15.14 -33.87 -2.16
C PHE A 91 -16.53 -33.60 -2.72
N ILE A 92 -16.66 -32.46 -3.41
CA ILE A 92 -17.94 -31.94 -3.94
C ILE A 92 -17.65 -31.59 -5.38
N ASN A 93 -18.40 -32.17 -6.30
CA ASN A 93 -18.27 -31.88 -7.76
C ASN A 93 -19.21 -30.72 -8.06
N ALA A 94 -18.70 -29.49 -7.99
CA ALA A 94 -19.46 -28.28 -8.33
C ALA A 94 -19.25 -27.94 -9.81
N ALA A 95 -20.25 -27.30 -10.42
CA ALA A 95 -20.23 -26.85 -11.83
C ALA A 95 -19.26 -25.67 -12.03
N SER A 96 -18.80 -25.04 -10.93
CA SER A 96 -17.96 -23.82 -10.96
C SER A 96 -16.56 -24.14 -11.52
N ARG A 97 -16.12 -25.38 -11.34
CA ARG A 97 -14.73 -25.81 -11.60
C ARG A 97 -14.73 -27.18 -12.28
N THR A 98 -13.73 -27.43 -13.12
CA THR A 98 -13.49 -28.72 -13.83
C THR A 98 -12.89 -29.80 -12.93
N TYR A 99 -12.54 -29.50 -11.68
CA TYR A 99 -12.09 -30.52 -10.69
C TYR A 99 -12.80 -30.28 -9.36
N PRO A 100 -13.15 -31.33 -8.62
CA PRO A 100 -13.98 -31.17 -7.43
C PRO A 100 -13.20 -30.46 -6.32
N PHE A 101 -13.97 -29.96 -5.34
CA PHE A 101 -13.47 -29.31 -4.11
C PHE A 101 -13.24 -30.39 -3.05
N PHE A 102 -12.03 -30.49 -2.55
CA PHE A 102 -11.62 -31.48 -1.52
C PHE A 102 -11.62 -30.81 -0.13
N LEU A 103 -12.23 -31.49 0.85
CA LEU A 103 -12.27 -31.02 2.24
C LEU A 103 -12.02 -32.18 3.18
N GLN A 104 -11.86 -31.86 4.46
CA GLN A 104 -11.69 -32.84 5.56
C GLN A 104 -12.97 -32.77 6.39
N GLY A 105 -13.41 -33.93 6.88
CA GLY A 105 -14.62 -34.04 7.71
C GLY A 105 -14.40 -34.95 8.90
N GLU A 106 -15.03 -34.60 10.02
CA GLU A 106 -15.12 -35.45 11.23
C GLU A 106 -16.44 -36.24 11.15
N PHE A 107 -16.35 -37.57 11.27
CA PHE A 107 -17.50 -38.51 11.14
C PHE A 107 -17.61 -39.32 12.42
N LYS A 108 -18.75 -39.22 13.10
CA LYS A 108 -19.11 -40.15 14.20
C LYS A 108 -20.11 -41.15 13.61
N GLU A 109 -19.70 -42.40 13.47
CA GLU A 109 -20.54 -43.45 12.84
C GLU A 109 -20.95 -42.95 11.46
N ASP A 110 -22.24 -42.65 11.25
CA ASP A 110 -22.77 -42.26 9.91
C ASP A 110 -23.07 -40.76 9.85
N GLN A 111 -22.53 -39.96 10.79
CA GLN A 111 -22.90 -38.53 10.94
C GLN A 111 -21.68 -37.62 10.79
N ILE A 112 -21.76 -36.69 9.83
CA ILE A 112 -20.79 -35.58 9.63
C ILE A 112 -20.95 -34.56 10.76
N LEU A 113 -20.00 -34.53 11.69
CA LEU A 113 -20.02 -33.62 12.85
C LEU A 113 -19.62 -32.22 12.39
N SER A 114 -18.57 -32.14 11.59
CA SER A 114 -18.00 -30.86 11.09
C SER A 114 -17.18 -31.11 9.83
N ILE A 115 -17.02 -30.06 9.03
CA ILE A 115 -16.10 -29.95 7.87
C ILE A 115 -15.08 -28.89 8.21
N PHE A 116 -13.79 -29.21 8.21
CA PHE A 116 -12.72 -28.25 8.54
C PHE A 116 -11.75 -28.13 7.36
N ASP A 117 -11.09 -26.98 7.29
CA ASP A 117 -10.05 -26.66 6.30
C ASP A 117 -9.01 -25.80 6.97
N ILE A 118 -7.77 -25.96 6.55
CA ILE A 118 -6.60 -25.11 6.92
C ILE A 118 -6.23 -24.37 5.67
N PRO A 119 -6.49 -23.04 5.62
CA PRO A 119 -6.43 -22.28 4.38
C PRO A 119 -4.98 -22.11 3.90
N THR A 120 -4.59 -22.98 2.98
CA THR A 120 -3.21 -22.98 2.41
C THR A 120 -2.90 -21.61 1.79
N THR A 121 -3.90 -20.87 1.31
CA THR A 121 -3.68 -19.54 0.67
C THR A 121 -3.07 -18.57 1.71
N LEU A 122 -3.39 -18.75 2.99
CA LEU A 122 -2.96 -17.79 4.03
C LEU A 122 -1.45 -17.92 4.29
N TYR A 123 -0.85 -19.06 3.90
CA TYR A 123 0.63 -19.21 3.87
C TYR A 123 1.27 -18.12 3.01
N ALA A 124 0.67 -17.75 1.88
CA ALA A 124 1.24 -16.74 0.96
C ALA A 124 1.44 -15.42 1.70
N SER A 125 0.60 -15.14 2.70
CA SER A 125 0.76 -13.97 3.58
C SER A 125 2.14 -13.99 4.28
N TYR A 126 2.45 -15.10 4.93
CA TYR A 126 3.76 -15.34 5.61
C TYR A 126 4.90 -15.13 4.60
N LEU A 127 4.80 -15.75 3.42
CA LEU A 127 5.88 -15.69 2.40
C LEU A 127 6.03 -14.24 1.93
N THR A 128 4.93 -13.54 1.67
CA THR A 128 4.96 -12.16 1.14
C THR A 128 5.64 -11.26 2.17
N ILE A 129 5.35 -11.43 3.46
CA ILE A 129 6.09 -10.73 4.56
C ILE A 129 7.58 -11.06 4.46
N LYS A 130 7.95 -12.35 4.40
CA LYS A 130 9.36 -12.81 4.37
C LYS A 130 10.08 -12.18 3.17
N GLU A 131 9.34 -11.72 2.15
CA GLU A 131 9.95 -11.18 0.90
C GLU A 131 9.81 -9.66 0.80
N LEU A 132 9.02 -8.99 1.67
CA LEU A 132 8.91 -7.50 1.68
C LEU A 132 9.85 -6.89 2.72
N PHE A 133 10.08 -7.59 3.83
CA PHE A 133 10.92 -7.13 4.96
C PHE A 133 12.24 -7.90 4.95
N THR A 134 13.28 -7.25 5.43
CA THR A 134 14.62 -7.83 5.66
C THR A 134 14.51 -8.78 6.85
N ASP A 135 15.34 -9.82 6.88
CA ASP A 135 15.37 -10.83 7.98
C ASP A 135 15.75 -10.11 9.29
N SER A 136 16.73 -9.20 9.24
CA SER A 136 17.18 -8.38 10.39
C SER A 136 15.97 -7.71 11.07
N PHE A 137 15.12 -7.04 10.28
CA PHE A 137 13.92 -6.33 10.79
C PHE A 137 12.96 -7.34 11.45
N LEU A 138 12.79 -8.51 10.83
CA LEU A 138 11.77 -9.49 11.27
C LEU A 138 12.18 -10.06 12.63
N LYS A 139 13.48 -10.33 12.80
CA LYS A 139 14.06 -10.97 14.02
C LYS A 139 14.28 -9.92 15.13
N THR A 140 13.98 -8.65 14.85
CA THR A 140 14.03 -7.51 15.81
C THR A 140 12.71 -7.40 16.55
N GLN A 141 12.76 -7.22 17.89
CA GLN A 141 11.60 -6.86 18.76
C GLN A 141 10.35 -7.63 18.37
N ASN A 142 10.46 -8.93 18.12
CA ASN A 142 9.28 -9.80 17.83
C ASN A 142 8.37 -9.12 16.78
N ASN A 143 8.98 -8.53 15.75
CA ASN A 143 8.24 -7.82 14.68
C ASN A 143 7.51 -8.86 13.82
N GLU A 144 8.21 -9.89 13.34
CA GLU A 144 7.64 -11.01 12.53
C GLU A 144 6.34 -11.54 13.14
N ARG A 145 6.28 -11.78 14.44
CA ARG A 145 5.06 -12.35 15.08
C ARG A 145 3.90 -11.37 14.98
N LYS A 146 4.18 -10.07 15.19
CA LYS A 146 3.18 -8.97 15.15
C LYS A 146 2.59 -8.84 13.74
N LEU A 147 3.44 -9.01 12.72
CA LEU A 147 3.07 -8.95 11.28
C LEU A 147 2.22 -10.18 10.93
N ILE A 148 2.64 -11.37 11.35
CA ILE A 148 1.88 -12.63 11.10
C ILE A 148 0.48 -12.50 11.69
N ASN A 149 0.33 -11.99 12.92
CA ASN A 149 -0.99 -11.92 13.59
C ASN A 149 -1.84 -10.86 12.91
N LYS A 150 -1.25 -9.73 12.57
CA LYS A 150 -1.97 -8.67 11.82
C LYS A 150 -2.52 -9.30 10.53
N GLU A 151 -1.76 -10.17 9.87
CA GLU A 151 -2.17 -10.75 8.55
C GLU A 151 -3.30 -11.76 8.75
N ILE A 152 -3.22 -12.53 9.83
CA ILE A 152 -4.26 -13.54 10.19
C ILE A 152 -5.54 -12.79 10.53
N ARG A 153 -5.45 -11.81 11.42
CA ARG A 153 -6.64 -11.07 11.88
C ARG A 153 -7.24 -10.26 10.74
N ASN A 154 -6.42 -9.85 9.78
CA ASN A 154 -6.93 -9.12 8.60
C ASN A 154 -7.68 -10.10 7.70
N PHE A 155 -7.16 -11.32 7.58
CA PHE A 155 -7.77 -12.41 6.78
C PHE A 155 -9.18 -12.70 7.31
N GLU A 156 -9.29 -12.93 8.62
CA GLU A 156 -10.57 -13.26 9.32
C GLU A 156 -11.56 -12.09 9.18
N ARG A 157 -11.05 -10.87 9.27
CA ARG A 157 -11.88 -9.64 9.27
C ARG A 157 -12.43 -9.44 7.86
N THR A 158 -11.61 -9.65 6.84
CA THR A 158 -12.03 -9.55 5.42
C THR A 158 -13.11 -10.60 5.12
N LEU A 159 -13.01 -11.81 5.68
CA LEU A 159 -14.03 -12.87 5.45
C LEU A 159 -15.35 -12.42 6.06
N SER A 160 -15.29 -11.89 7.29
CA SER A 160 -16.46 -11.32 8.00
C SER A 160 -17.07 -10.23 7.12
N LYS A 161 -16.28 -9.25 6.70
CA LYS A 161 -16.77 -8.10 5.87
C LYS A 161 -17.40 -8.61 4.57
N LEU A 162 -16.94 -9.74 4.04
CA LEU A 162 -17.39 -10.27 2.73
C LEU A 162 -18.74 -10.95 2.93
N ILE A 163 -18.92 -11.65 4.05
CA ILE A 163 -20.19 -12.33 4.42
C ILE A 163 -21.29 -11.32 4.75
N ASP A 164 -20.96 -10.19 5.40
CA ASP A 164 -21.96 -9.12 5.68
C ASP A 164 -22.38 -8.49 4.35
N ASP A 165 -21.40 -8.10 3.51
CA ASP A 165 -21.65 -7.37 2.24
C ASP A 165 -22.55 -8.23 1.33
N THR A 166 -22.40 -9.56 1.36
CA THR A 166 -23.17 -10.48 0.50
C THR A 166 -24.47 -10.89 1.22
N ILE A 167 -24.78 -10.26 2.36
CA ILE A 167 -26.04 -10.50 3.13
C ILE A 167 -26.18 -12.02 3.33
N GLU A 168 -25.07 -12.69 3.57
CA GLU A 168 -25.04 -14.16 3.76
C GLU A 168 -25.06 -14.43 5.26
N GLU A 169 -25.96 -15.30 5.72
CA GLU A 169 -25.88 -15.79 7.10
C GLU A 169 -24.53 -16.52 7.20
N LYS A 170 -23.78 -16.29 8.27
CA LYS A 170 -22.49 -17.01 8.48
C LYS A 170 -22.70 -18.50 8.18
N PHE A 171 -21.66 -19.16 7.64
CA PHE A 171 -21.61 -20.63 7.43
C PHE A 171 -20.26 -21.20 7.91
N TYR A 172 -19.41 -20.35 8.50
CA TYR A 172 -18.04 -20.75 8.89
C TYR A 172 -17.80 -20.34 10.34
N LYS A 173 -16.83 -21.00 10.95
CA LYS A 173 -16.22 -20.64 12.25
C LYS A 173 -14.73 -20.47 11.98
N PHE A 174 -14.14 -19.41 12.51
CA PHE A 174 -12.70 -19.13 12.37
C PHE A 174 -12.06 -19.28 13.73
N THR A 175 -11.19 -20.29 13.92
CA THR A 175 -10.43 -20.47 15.18
C THR A 175 -8.94 -20.47 14.88
N ILE A 176 -8.17 -19.74 15.69
CA ILE A 176 -6.68 -19.73 15.63
C ILE A 176 -6.18 -20.62 16.78
N TYR A 177 -5.18 -21.45 16.51
CA TYR A 177 -4.66 -22.46 17.47
C TYR A 177 -3.14 -22.39 17.51
N GLY B 1 6.71 1.84 2.67
CA GLY B 1 6.09 0.65 3.32
C GLY B 1 7.09 -0.23 4.05
N GLY B 2 7.88 0.37 4.96
CA GLY B 2 8.93 -0.28 5.78
C GLY B 2 9.39 0.59 6.94
N GLY B 3 10.09 -0.02 7.91
CA GLY B 3 10.45 0.64 9.18
C GLY B 3 9.23 1.05 9.98
N MET B 4 8.05 0.52 9.63
CA MET B 4 6.73 0.74 10.29
C MET B 4 5.72 -0.29 9.75
N PHE B 5 4.53 -0.36 10.35
CA PHE B 5 3.43 -1.31 10.02
C PHE B 5 2.42 -0.69 9.04
N ASN B 6 2.85 0.30 8.22
CA ASN B 6 1.99 0.96 7.20
C ASN B 6 2.44 0.50 5.82
N TYR B 7 2.36 -0.80 5.59
CA TYR B 7 2.90 -1.51 4.40
C TYR B 7 1.70 -1.86 3.50
N THR B 8 1.74 -1.40 2.25
CA THR B 8 0.73 -1.70 1.22
C THR B 8 1.38 -2.67 0.20
N VAL B 9 0.56 -3.53 -0.39
CA VAL B 9 0.90 -4.36 -1.57
C VAL B 9 -0.21 -4.19 -2.61
N LEU B 10 0.08 -4.41 -3.89
CA LEU B 10 -0.99 -4.59 -4.90
C LEU B 10 -1.68 -5.92 -4.64
N PRO B 11 -3.00 -6.04 -4.89
CA PRO B 11 -3.72 -7.27 -4.60
C PRO B 11 -3.05 -8.48 -5.24
N SER B 12 -2.60 -8.35 -6.49
CA SER B 12 -2.06 -9.47 -7.31
C SER B 12 -0.70 -9.95 -6.78
N THR B 13 0.00 -9.21 -5.93
CA THR B 13 1.33 -9.62 -5.39
C THR B 13 1.20 -10.90 -4.56
N SER B 14 0.43 -10.89 -3.48
CA SER B 14 0.27 -12.06 -2.59
C SER B 14 -0.42 -13.20 -3.38
N LEU B 15 -1.32 -12.88 -4.32
CA LEU B 15 -1.95 -13.93 -5.14
C LEU B 15 -0.84 -14.65 -5.90
N ALA B 16 0.07 -13.92 -6.50
CA ALA B 16 1.16 -14.50 -7.31
C ALA B 16 2.06 -15.34 -6.41
N VAL B 17 2.33 -14.87 -5.19
CA VAL B 17 3.18 -15.59 -4.22
C VAL B 17 2.53 -16.94 -3.91
N GLY B 18 1.22 -16.94 -3.65
CA GLY B 18 0.46 -18.17 -3.39
C GLY B 18 0.46 -19.09 -4.61
N TYR B 19 0.25 -18.51 -5.77
CA TYR B 19 0.10 -19.28 -7.02
C TYR B 19 1.42 -19.97 -7.32
N TYR B 20 2.53 -19.34 -6.94
CA TYR B 20 3.88 -19.89 -7.22
C TYR B 20 4.23 -20.95 -6.19
N TYR B 21 4.18 -20.61 -4.92
CA TYR B 21 4.66 -21.53 -3.86
C TYR B 21 3.64 -22.65 -3.59
N ASN B 22 2.36 -22.42 -3.86
CA ASN B 22 1.32 -23.40 -3.46
C ASN B 22 0.80 -24.16 -4.67
N PHE B 23 1.34 -23.90 -5.86
CA PHE B 23 0.85 -24.52 -7.11
C PHE B 23 2.04 -24.83 -8.04
N LEU B 24 2.68 -23.82 -8.63
CA LEU B 24 3.72 -24.00 -9.68
C LEU B 24 4.89 -24.81 -9.13
N ARG B 25 5.45 -24.39 -7.99
CA ARG B 25 6.64 -25.02 -7.35
C ARG B 25 6.30 -26.44 -6.91
N GLU B 26 5.05 -26.70 -6.54
CA GLU B 26 4.60 -28.02 -6.05
C GLU B 26 4.61 -28.99 -7.22
N ILE B 27 4.13 -28.55 -8.39
CA ILE B 27 4.16 -29.32 -9.67
C ILE B 27 5.61 -29.64 -10.02
N LEU B 28 6.49 -28.63 -10.00
CA LEU B 28 7.93 -28.77 -10.28
C LEU B 28 8.54 -29.85 -9.38
N GLU B 29 8.25 -29.83 -8.07
CA GLU B 29 8.85 -30.78 -7.08
C GLU B 29 8.26 -32.18 -7.26
N ALA B 30 7.03 -32.30 -7.73
CA ALA B 30 6.40 -33.60 -8.07
C ALA B 30 7.13 -34.18 -9.30
N PHE B 31 7.43 -33.35 -10.30
CA PHE B 31 8.25 -33.73 -11.48
C PHE B 31 9.63 -34.21 -11.00
N ASN B 32 10.32 -33.38 -10.20
CA ASN B 32 11.70 -33.62 -9.71
C ASN B 32 11.74 -34.84 -8.76
N ASN B 33 10.62 -35.15 -8.10
CA ASN B 33 10.50 -36.30 -7.16
C ASN B 33 9.87 -37.48 -7.90
N GLN B 34 10.07 -37.54 -9.22
CA GLN B 34 9.72 -38.71 -10.08
C GLN B 34 8.28 -39.16 -9.79
N LYS B 35 7.36 -38.19 -9.69
CA LYS B 35 5.90 -38.46 -9.59
C LYS B 35 5.33 -38.31 -11.00
N SER B 36 4.68 -39.35 -11.49
CA SER B 36 4.14 -39.37 -12.86
C SER B 36 2.79 -38.64 -12.84
N ILE B 37 2.29 -38.34 -14.03
CA ILE B 37 1.00 -37.64 -14.21
C ILE B 37 -0.05 -38.68 -14.58
N GLN B 38 -1.28 -38.50 -14.12
CA GLN B 38 -2.43 -39.38 -14.43
C GLN B 38 -3.27 -38.65 -15.49
N ILE B 39 -3.50 -39.28 -16.64
CA ILE B 39 -4.35 -38.74 -17.74
C ILE B 39 -5.74 -39.36 -17.60
N ILE B 40 -6.77 -38.52 -17.48
CA ILE B 40 -8.18 -39.00 -17.41
C ILE B 40 -8.65 -39.19 -18.85
N LEU B 41 -9.02 -40.43 -19.22
CA LEU B 41 -9.56 -40.78 -20.56
C LEU B 41 -11.08 -40.89 -20.50
N GLU B 42 -11.59 -41.71 -19.58
CA GLU B 42 -13.04 -41.99 -19.53
C GLU B 42 -13.58 -41.45 -18.20
N ARG B 43 -14.83 -40.99 -18.21
CA ARG B 43 -15.50 -40.47 -16.99
C ARG B 43 -16.92 -41.02 -16.91
N ASP B 44 -17.45 -41.18 -15.71
CA ASP B 44 -18.84 -41.65 -15.52
C ASP B 44 -19.81 -40.46 -15.59
N ARG B 45 -21.10 -40.70 -15.44
CA ARG B 45 -22.14 -39.64 -15.55
C ARG B 45 -21.93 -38.62 -14.43
N THR B 46 -21.52 -39.07 -13.25
CA THR B 46 -21.20 -38.17 -12.10
C THR B 46 -20.05 -37.23 -12.53
N GLY B 47 -19.00 -37.77 -13.15
CA GLY B 47 -17.76 -37.06 -13.53
C GLY B 47 -16.54 -37.63 -12.81
N LYS B 48 -16.58 -38.91 -12.45
CA LYS B 48 -15.48 -39.60 -11.74
C LYS B 48 -14.62 -40.30 -12.78
N PRO B 49 -13.27 -40.14 -12.71
CA PRO B 49 -12.39 -40.78 -13.68
C PRO B 49 -12.61 -42.30 -13.62
N THR B 50 -12.91 -42.90 -14.79
CA THR B 50 -13.07 -44.36 -14.97
C THR B 50 -11.75 -44.98 -15.46
N LYS B 51 -11.25 -44.51 -16.60
CA LYS B 51 -9.94 -44.94 -17.15
C LYS B 51 -8.94 -43.79 -16.92
N THR B 52 -7.77 -44.16 -16.39
CA THR B 52 -6.56 -43.29 -16.27
C THR B 52 -5.39 -44.01 -16.92
N ILE B 53 -4.57 -43.25 -17.66
CA ILE B 53 -3.22 -43.65 -18.13
C ILE B 53 -2.18 -43.01 -17.20
N ASP B 54 -1.20 -43.78 -16.74
CA ASP B 54 0.06 -43.27 -16.14
C ASP B 54 0.92 -42.71 -17.28
N TYR B 55 1.57 -41.57 -17.08
CA TYR B 55 2.49 -40.92 -18.05
C TYR B 55 3.77 -40.53 -17.32
N GLU B 56 4.89 -40.91 -17.89
CA GLU B 56 6.23 -40.73 -17.27
C GLU B 56 6.73 -39.32 -17.59
N ILE B 57 7.18 -38.59 -16.58
CA ILE B 57 7.74 -37.23 -16.77
C ILE B 57 9.27 -37.35 -16.82
N LYS B 58 9.83 -36.94 -17.97
CA LYS B 58 11.28 -37.01 -18.32
C LYS B 58 11.89 -35.61 -18.21
N LYS B 59 13.19 -35.53 -17.94
CA LYS B 59 13.89 -34.32 -17.45
C LYS B 59 13.76 -33.14 -18.41
N PRO B 60 13.61 -33.30 -19.74
CA PRO B 60 13.10 -32.19 -20.55
C PRO B 60 11.60 -31.99 -20.23
N TYR B 61 11.28 -31.49 -19.02
CA TYR B 61 9.89 -31.41 -18.47
C TYR B 61 9.02 -30.55 -19.40
N PRO B 62 7.70 -30.84 -19.48
CA PRO B 62 6.83 -30.03 -20.32
C PRO B 62 6.61 -28.63 -19.70
N THR B 63 6.62 -27.60 -20.54
CA THR B 63 6.45 -26.19 -20.08
C THR B 63 5.02 -25.97 -19.59
N ILE B 64 4.88 -25.44 -18.38
CA ILE B 64 3.58 -25.03 -17.78
C ILE B 64 3.18 -23.69 -18.40
N GLU B 65 2.12 -23.69 -19.21
CA GLU B 65 1.72 -22.47 -19.95
C GLU B 65 0.58 -21.81 -19.19
N ILE B 66 0.84 -20.67 -18.57
CA ILE B 66 -0.17 -19.87 -17.84
C ILE B 66 -0.80 -18.94 -18.87
N ARG B 67 -2.10 -19.11 -19.11
CA ARG B 67 -2.89 -18.30 -20.07
C ARG B 67 -3.89 -17.45 -19.30
N VAL B 68 -3.83 -16.13 -19.49
CA VAL B 68 -4.70 -15.16 -18.75
C VAL B 68 -5.52 -14.38 -19.78
N PRO B 69 -6.87 -14.38 -19.69
CA PRO B 69 -7.67 -13.55 -20.56
C PRO B 69 -7.57 -12.11 -20.10
N GLN B 70 -7.40 -11.19 -21.05
CA GLN B 70 -7.40 -9.72 -20.81
C GLN B 70 -8.72 -9.36 -20.11
N ASN B 71 -9.82 -9.96 -20.54
CA ASN B 71 -11.13 -9.77 -19.87
C ASN B 71 -11.16 -10.59 -18.59
N LEU B 72 -10.52 -10.09 -17.54
CA LEU B 72 -10.38 -10.84 -16.27
C LEU B 72 -11.77 -11.18 -15.69
N ALA B 73 -12.79 -10.38 -15.96
CA ALA B 73 -14.16 -10.56 -15.41
C ALA B 73 -14.78 -11.87 -15.93
N SER B 74 -14.27 -12.38 -17.05
CA SER B 74 -14.79 -13.61 -17.71
C SER B 74 -13.95 -14.85 -17.36
N LEU B 75 -12.98 -14.72 -16.47
CA LEU B 75 -11.97 -15.79 -16.23
C LEU B 75 -12.70 -17.04 -15.73
N LYS B 76 -13.64 -16.88 -14.79
CA LYS B 76 -14.38 -18.02 -14.20
C LYS B 76 -15.20 -18.76 -15.26
N LYS B 77 -15.51 -18.10 -16.39
CA LYS B 77 -16.23 -18.69 -17.54
C LYS B 77 -15.22 -19.36 -18.48
N GLU B 78 -14.04 -18.77 -18.67
CA GLU B 78 -12.96 -19.32 -19.53
C GLU B 78 -12.42 -20.64 -18.99
N VAL B 79 -12.44 -20.84 -17.66
CA VAL B 79 -11.98 -22.10 -17.01
C VAL B 79 -12.96 -23.24 -17.31
N LEU B 80 -14.14 -22.94 -17.87
CA LEU B 80 -15.12 -23.99 -18.25
C LEU B 80 -15.18 -24.14 -19.78
N THR B 81 -14.65 -23.18 -20.55
CA THR B 81 -14.71 -23.19 -22.04
C THR B 81 -13.54 -24.00 -22.63
N TRP B 82 -12.37 -23.96 -22.01
CA TRP B 82 -11.14 -24.63 -22.55
C TRP B 82 -11.04 -26.03 -21.95
N ASN B 83 -12.15 -26.55 -21.42
CA ASN B 83 -12.29 -27.99 -21.08
C ASN B 83 -12.96 -28.69 -22.26
N THR B 84 -12.18 -28.98 -23.32
CA THR B 84 -12.65 -29.59 -24.59
C THR B 84 -12.04 -30.99 -24.76
N SER B 85 -12.22 -31.60 -25.94
CA SER B 85 -11.73 -32.96 -26.29
C SER B 85 -10.27 -32.89 -26.73
N GLU B 86 -9.88 -31.83 -27.46
CA GLU B 86 -8.49 -31.61 -27.99
C GLU B 86 -7.49 -31.52 -26.83
N TYR B 87 -7.95 -31.10 -25.65
CA TYR B 87 -7.19 -31.09 -24.37
C TYR B 87 -7.75 -32.19 -23.47
N LYS B 88 -6.89 -32.78 -22.63
CA LYS B 88 -7.29 -33.81 -21.63
C LYS B 88 -7.00 -33.30 -20.22
N GLN B 89 -7.88 -33.60 -19.27
CA GLN B 89 -7.60 -33.33 -17.83
C GLN B 89 -6.55 -34.32 -17.31
N ILE B 90 -5.51 -33.81 -16.68
CA ILE B 90 -4.46 -34.63 -16.02
C ILE B 90 -4.44 -34.27 -14.55
N PHE B 91 -3.83 -35.12 -13.74
CA PHE B 91 -3.63 -34.83 -12.30
C PHE B 91 -2.34 -35.51 -11.81
N ILE B 92 -1.78 -34.93 -10.76
CA ILE B 92 -0.48 -35.31 -10.16
C ILE B 92 -0.72 -35.45 -8.67
N ASN B 93 -0.47 -36.64 -8.14
CA ASN B 93 -0.60 -36.91 -6.69
C ASN B 93 0.74 -36.54 -6.05
N ALA B 94 0.90 -35.28 -5.64
CA ALA B 94 2.12 -34.77 -4.98
C ALA B 94 2.01 -34.94 -3.47
N ALA B 95 3.13 -35.18 -2.79
CA ALA B 95 3.19 -35.46 -1.33
C ALA B 95 3.00 -34.18 -0.52
N SER B 96 3.01 -33.01 -1.19
CA SER B 96 2.86 -31.65 -0.60
C SER B 96 1.43 -31.45 -0.07
N ARG B 97 0.45 -32.13 -0.70
CA ARG B 97 -1.00 -31.85 -0.52
C ARG B 97 -1.76 -33.17 -0.47
N THR B 98 -2.83 -33.20 0.33
CA THR B 98 -3.68 -34.39 0.58
C THR B 98 -4.69 -34.58 -0.54
N TYR B 99 -4.79 -33.67 -1.52
CA TYR B 99 -5.57 -33.91 -2.76
C TYR B 99 -4.72 -33.54 -3.95
N PRO B 100 -4.87 -34.24 -5.09
CA PRO B 100 -3.98 -34.05 -6.23
C PRO B 100 -4.13 -32.68 -6.88
N PHE B 101 -3.17 -32.32 -7.74
CA PHE B 101 -3.16 -31.09 -8.55
C PHE B 101 -3.73 -31.40 -9.93
N PHE B 102 -4.78 -30.68 -10.33
CA PHE B 102 -5.51 -30.94 -11.60
C PHE B 102 -5.11 -29.90 -12.63
N LEU B 103 -4.71 -30.33 -13.82
CA LEU B 103 -4.29 -29.45 -14.94
C LEU B 103 -4.94 -29.91 -16.24
N GLN B 104 -4.80 -29.10 -17.29
CA GLN B 104 -5.18 -29.42 -18.68
C GLN B 104 -3.90 -29.73 -19.47
N GLY B 105 -3.95 -30.77 -20.31
CA GLY B 105 -2.84 -31.24 -21.16
C GLY B 105 -3.16 -31.11 -22.65
N GLU B 106 -2.14 -30.78 -23.45
CA GLU B 106 -2.17 -30.92 -24.93
C GLU B 106 -1.37 -32.16 -25.26
N PHE B 107 -1.96 -33.07 -26.05
CA PHE B 107 -1.34 -34.36 -26.43
C PHE B 107 -1.32 -34.47 -27.96
N LYS B 108 -0.15 -34.73 -28.54
CA LYS B 108 -0.04 -35.16 -29.96
C LYS B 108 0.01 -36.68 -29.95
N GLU B 109 -1.09 -37.35 -30.31
CA GLU B 109 -1.18 -38.81 -30.10
C GLU B 109 -0.91 -39.05 -28.61
N ASP B 110 0.23 -39.65 -28.22
CA ASP B 110 0.54 -39.98 -26.80
C ASP B 110 1.53 -38.97 -26.20
N GLN B 111 2.23 -38.17 -27.02
CA GLN B 111 3.26 -37.23 -26.50
C GLN B 111 2.56 -36.03 -25.84
N ILE B 112 2.98 -35.68 -24.62
CA ILE B 112 2.57 -34.42 -23.93
C ILE B 112 3.35 -33.28 -24.57
N LEU B 113 2.66 -32.32 -25.18
CA LEU B 113 3.31 -31.13 -25.78
C LEU B 113 3.50 -30.09 -24.69
N SER B 114 2.46 -29.82 -23.92
CA SER B 114 2.45 -28.75 -22.90
C SER B 114 1.31 -28.99 -21.90
N ILE B 115 1.50 -28.46 -20.70
CA ILE B 115 0.50 -28.41 -19.61
C ILE B 115 0.10 -26.95 -19.46
N PHE B 116 -1.20 -26.66 -19.36
CA PHE B 116 -1.66 -25.25 -19.33
C PHE B 116 -2.61 -25.11 -18.15
N ASP B 117 -2.65 -23.93 -17.54
CA ASP B 117 -3.61 -23.56 -16.47
C ASP B 117 -4.10 -22.15 -16.77
N ILE B 118 -5.34 -21.85 -16.36
CA ILE B 118 -5.89 -20.46 -16.29
C ILE B 118 -5.97 -20.11 -14.82
N PRO B 119 -5.20 -19.10 -14.35
CA PRO B 119 -5.04 -18.89 -12.92
C PRO B 119 -6.28 -18.28 -12.27
N THR B 120 -7.10 -19.12 -11.65
CA THR B 120 -8.36 -18.72 -11.02
C THR B 120 -8.05 -17.68 -9.94
N THR B 121 -6.90 -17.80 -9.26
CA THR B 121 -6.54 -16.93 -8.11
C THR B 121 -6.53 -15.47 -8.58
N LEU B 122 -6.21 -15.25 -9.85
CA LEU B 122 -6.11 -13.88 -10.42
C LEU B 122 -7.48 -13.25 -10.52
N TYR B 123 -8.56 -14.04 -10.48
CA TYR B 123 -9.96 -13.51 -10.46
C TYR B 123 -10.15 -12.71 -9.18
N ALA B 124 -9.47 -13.10 -8.10
CA ALA B 124 -9.54 -12.38 -6.80
C ALA B 124 -9.06 -10.94 -6.99
N SER B 125 -8.17 -10.71 -7.95
CA SER B 125 -7.65 -9.35 -8.28
C SER B 125 -8.82 -8.46 -8.71
N TYR B 126 -9.53 -8.91 -9.74
CA TYR B 126 -10.75 -8.27 -10.28
C TYR B 126 -11.78 -8.05 -9.16
N LEU B 127 -12.02 -9.05 -8.32
CA LEU B 127 -13.02 -8.93 -7.22
C LEU B 127 -12.57 -7.91 -6.17
N THR B 128 -11.30 -7.90 -5.80
CA THR B 128 -10.73 -6.87 -4.88
C THR B 128 -10.94 -5.46 -5.44
N ILE B 129 -10.76 -5.24 -6.74
CA ILE B 129 -10.97 -3.93 -7.39
C ILE B 129 -12.46 -3.59 -7.35
N LYS B 130 -13.33 -4.54 -7.67
CA LYS B 130 -14.80 -4.28 -7.69
C LYS B 130 -15.28 -3.94 -6.29
N GLU B 131 -14.54 -4.34 -5.26
CA GLU B 131 -14.96 -4.15 -3.85
C GLU B 131 -14.38 -2.85 -3.29
N LEU B 132 -13.19 -2.42 -3.72
CA LEU B 132 -12.54 -1.26 -3.09
C LEU B 132 -13.12 0.02 -3.71
N PHE B 133 -13.32 0.00 -5.03
CA PHE B 133 -13.63 1.21 -5.82
C PHE B 133 -15.13 1.34 -6.06
N THR B 134 -15.60 2.58 -5.98
CA THR B 134 -16.99 2.97 -6.34
C THR B 134 -17.22 2.63 -7.82
N ASP B 135 -18.48 2.37 -8.17
CA ASP B 135 -18.91 2.04 -9.55
C ASP B 135 -18.68 3.29 -10.40
N SER B 136 -18.85 4.46 -9.78
CA SER B 136 -18.71 5.78 -10.45
C SER B 136 -17.28 5.92 -10.99
N PHE B 137 -16.28 5.69 -10.12
CA PHE B 137 -14.84 5.75 -10.44
C PHE B 137 -14.51 4.76 -11.57
N LEU B 138 -14.90 3.49 -11.43
CA LEU B 138 -14.50 2.41 -12.36
C LEU B 138 -15.01 2.71 -13.77
N LYS B 139 -16.18 3.34 -13.94
CA LYS B 139 -16.76 3.58 -15.29
C LYS B 139 -16.31 4.92 -15.88
N THR B 140 -15.54 5.73 -15.15
CA THR B 140 -15.28 7.15 -15.52
C THR B 140 -14.31 7.28 -16.69
N GLN B 141 -13.05 6.85 -16.55
CA GLN B 141 -12.01 7.20 -17.55
C GLN B 141 -11.34 5.91 -18.01
N ASN B 142 -12.16 4.87 -18.17
CA ASN B 142 -11.69 3.50 -18.47
C ASN B 142 -10.75 3.03 -17.35
N ASN B 143 -11.07 3.35 -16.10
CA ASN B 143 -10.20 3.11 -14.93
C ASN B 143 -10.14 1.60 -14.62
N GLU B 144 -11.30 0.95 -14.67
CA GLU B 144 -11.42 -0.50 -14.42
C GLU B 144 -10.41 -1.28 -15.27
N ARG B 145 -10.27 -1.02 -16.57
CA ARG B 145 -9.39 -1.80 -17.47
C ARG B 145 -7.93 -1.49 -17.16
N LYS B 146 -7.61 -0.22 -16.98
CA LYS B 146 -6.27 0.24 -16.59
C LYS B 146 -5.81 -0.52 -15.33
N LEU B 147 -6.66 -0.60 -14.31
CA LEU B 147 -6.34 -1.30 -13.05
C LEU B 147 -6.15 -2.80 -13.32
N ILE B 148 -7.05 -3.41 -14.10
CA ILE B 148 -6.99 -4.87 -14.40
C ILE B 148 -5.70 -5.19 -15.17
N ASN B 149 -5.33 -4.35 -16.14
CA ASN B 149 -4.09 -4.56 -16.93
C ASN B 149 -2.90 -4.49 -15.97
N LYS B 150 -2.91 -3.54 -15.03
CA LYS B 150 -1.79 -3.32 -14.07
C LYS B 150 -1.69 -4.54 -13.17
N GLU B 151 -2.84 -5.10 -12.78
CA GLU B 151 -2.94 -6.31 -11.92
C GLU B 151 -2.36 -7.52 -12.65
N ILE B 152 -2.73 -7.70 -13.90
CA ILE B 152 -2.22 -8.84 -14.71
C ILE B 152 -0.69 -8.69 -14.84
N ARG B 153 -0.19 -7.52 -15.22
CA ARG B 153 1.28 -7.31 -15.43
C ARG B 153 2.01 -7.50 -14.10
N ASN B 154 1.42 -7.02 -13.01
CA ASN B 154 2.03 -7.17 -11.66
C ASN B 154 2.12 -8.65 -11.31
N PHE B 155 1.09 -9.43 -11.66
CA PHE B 155 1.00 -10.88 -11.35
C PHE B 155 2.16 -11.60 -12.05
N GLU B 156 2.37 -11.33 -13.35
CA GLU B 156 3.44 -11.97 -14.16
C GLU B 156 4.82 -11.54 -13.63
N ARG B 157 4.99 -10.24 -13.38
CA ARG B 157 6.23 -9.65 -12.83
C ARG B 157 6.59 -10.29 -11.48
N THR B 158 5.62 -10.45 -10.58
CA THR B 158 5.82 -11.10 -9.25
C THR B 158 6.31 -12.54 -9.46
N LEU B 159 5.71 -13.28 -10.40
CA LEU B 159 6.13 -14.67 -10.69
C LEU B 159 7.61 -14.65 -11.12
N SER B 160 7.96 -13.76 -12.04
CA SER B 160 9.34 -13.63 -12.58
C SER B 160 10.31 -13.33 -11.44
N LYS B 161 9.94 -12.47 -10.51
CA LYS B 161 10.82 -12.12 -9.37
C LYS B 161 11.01 -13.35 -8.48
N LEU B 162 9.98 -14.17 -8.31
CA LEU B 162 10.01 -15.29 -7.33
C LEU B 162 10.92 -16.42 -7.86
N ILE B 163 10.84 -16.77 -9.14
CA ILE B 163 11.78 -17.78 -9.71
C ILE B 163 13.23 -17.27 -9.57
N ASP B 164 13.47 -15.99 -9.80
CA ASP B 164 14.83 -15.38 -9.76
C ASP B 164 15.44 -15.48 -8.36
N ASP B 165 14.62 -15.39 -7.33
CA ASP B 165 15.10 -15.46 -5.94
C ASP B 165 15.35 -16.93 -5.61
N THR B 166 14.92 -17.82 -6.49
CA THR B 166 15.09 -19.28 -6.27
C THR B 166 15.93 -19.82 -7.45
N ILE B 167 15.35 -20.73 -8.23
CA ILE B 167 16.09 -21.33 -9.39
C ILE B 167 15.37 -21.01 -10.69
N GLU B 168 16.09 -20.52 -11.68
CA GLU B 168 15.53 -20.17 -13.01
C GLU B 168 15.34 -21.46 -13.83
N GLU B 169 14.31 -22.24 -13.50
CA GLU B 169 13.92 -23.40 -14.34
C GLU B 169 13.24 -22.83 -15.59
N LYS B 170 12.55 -21.70 -15.48
CA LYS B 170 11.68 -21.16 -16.56
C LYS B 170 10.74 -22.27 -17.01
N PHE B 171 10.10 -22.92 -16.04
CA PHE B 171 9.22 -24.09 -16.26
C PHE B 171 7.88 -23.60 -16.78
N TYR B 172 7.70 -22.27 -16.86
CA TYR B 172 6.41 -21.65 -17.23
C TYR B 172 6.61 -20.56 -18.27
N LYS B 173 5.64 -20.42 -19.17
CA LYS B 173 5.45 -19.26 -20.08
C LYS B 173 4.12 -18.58 -19.75
N PHE B 174 4.07 -17.25 -19.83
CA PHE B 174 2.90 -16.43 -19.42
C PHE B 174 2.41 -15.66 -20.64
N THR B 175 1.23 -15.99 -21.15
CA THR B 175 0.67 -15.32 -22.34
C THR B 175 -0.71 -14.76 -21.99
N ILE B 176 -1.00 -13.54 -22.41
CA ILE B 176 -2.33 -12.88 -22.25
C ILE B 176 -3.06 -13.00 -23.58
N TYR B 177 -4.33 -13.41 -23.57
CA TYR B 177 -5.15 -13.59 -24.80
C TYR B 177 -6.45 -12.79 -24.66
N PHE C 5 23.80 -16.76 -2.90
CA PHE C 5 23.18 -15.77 -3.85
C PHE C 5 22.50 -14.64 -3.06
N ASN C 6 23.21 -14.11 -2.06
CA ASN C 6 22.81 -12.90 -1.28
C ASN C 6 23.85 -11.81 -1.52
N TYR C 7 23.62 -10.95 -2.51
CA TYR C 7 24.61 -9.96 -3.01
C TYR C 7 24.00 -8.56 -3.06
N THR C 8 23.22 -8.21 -2.03
CA THR C 8 22.55 -6.88 -1.93
C THR C 8 23.57 -5.87 -1.38
N VAL C 9 23.46 -4.63 -1.83
CA VAL C 9 24.35 -3.50 -1.41
C VAL C 9 23.46 -2.32 -1.01
N LEU C 10 24.05 -1.31 -0.38
CA LEU C 10 23.39 -0.01 -0.18
C LEU C 10 23.15 0.63 -1.55
N PRO C 11 22.03 1.34 -1.74
CA PRO C 11 21.75 1.92 -3.06
C PRO C 11 22.98 2.64 -3.63
N SER C 12 23.64 3.50 -2.84
CA SER C 12 24.72 4.43 -3.29
C SER C 12 25.99 3.66 -3.67
N THR C 13 26.11 2.39 -3.28
CA THR C 13 27.26 1.54 -3.68
C THR C 13 27.30 1.41 -5.22
N SER C 14 26.25 0.86 -5.82
CA SER C 14 26.20 0.58 -7.28
C SER C 14 26.20 1.91 -8.04
N LEU C 15 25.54 2.92 -7.49
CA LEU C 15 25.47 4.27 -8.10
C LEU C 15 26.91 4.79 -8.22
N ALA C 16 27.67 4.73 -7.13
CA ALA C 16 29.09 5.15 -7.12
C ALA C 16 29.87 4.38 -8.20
N VAL C 17 29.68 3.06 -8.30
CA VAL C 17 30.42 2.23 -9.29
C VAL C 17 30.11 2.75 -10.70
N GLY C 18 28.84 2.97 -11.01
CA GLY C 18 28.44 3.59 -12.29
C GLY C 18 29.02 4.98 -12.46
N TYR C 19 29.01 5.80 -11.41
CA TYR C 19 29.47 7.21 -11.51
C TYR C 19 30.98 7.23 -11.77
N TYR C 20 31.68 6.23 -11.25
CA TYR C 20 33.14 6.13 -11.43
C TYR C 20 33.42 5.61 -12.85
N TYR C 21 32.99 4.39 -13.14
CA TYR C 21 33.41 3.69 -14.37
C TYR C 21 32.77 4.30 -15.62
N ASN C 22 31.66 5.03 -15.50
CA ASN C 22 30.92 5.55 -16.68
C ASN C 22 31.04 7.08 -16.76
N PHE C 23 31.80 7.72 -15.89
CA PHE C 23 31.87 9.20 -15.86
C PHE C 23 33.27 9.65 -15.45
N LEU C 24 33.62 9.57 -14.17
CA LEU C 24 34.87 10.18 -13.65
C LEU C 24 36.06 9.58 -14.42
N ARG C 25 36.13 8.26 -14.51
CA ARG C 25 37.26 7.57 -15.16
C ARG C 25 37.26 7.94 -16.65
N GLU C 26 36.08 8.10 -17.25
CA GLU C 26 36.01 8.44 -18.71
C GLU C 26 36.63 9.82 -18.91
N ILE C 27 36.43 10.73 -17.96
CA ILE C 27 36.93 12.13 -18.03
C ILE C 27 38.45 12.11 -17.82
N LEU C 28 38.93 11.31 -16.88
CA LEU C 28 40.38 11.24 -16.60
C LEU C 28 41.09 10.71 -17.85
N GLU C 29 40.59 9.61 -18.42
CA GLU C 29 41.18 8.93 -19.60
C GLU C 29 41.11 9.86 -20.82
N ALA C 30 40.08 10.70 -20.92
CA ALA C 30 39.91 11.70 -22.01
C ALA C 30 40.92 12.85 -21.83
N PHE C 31 41.26 13.16 -20.57
CA PHE C 31 42.35 14.12 -20.26
C PHE C 31 43.68 13.53 -20.76
N ASN C 32 43.97 12.29 -20.37
CA ASN C 32 45.22 11.54 -20.71
C ASN C 32 45.28 11.17 -22.20
N ASN C 33 44.18 11.28 -22.94
CA ASN C 33 44.13 11.11 -24.42
C ASN C 33 44.15 12.49 -25.11
N GLN C 34 44.79 13.48 -24.48
CA GLN C 34 45.09 14.81 -25.04
C GLN C 34 43.81 15.52 -25.53
N LYS C 35 42.63 14.95 -25.27
CA LYS C 35 41.32 15.59 -25.62
C LYS C 35 41.17 16.82 -24.72
N SER C 36 40.78 17.95 -25.31
CA SER C 36 40.78 19.29 -24.66
C SER C 36 39.34 19.72 -24.39
N ILE C 37 39.13 20.40 -23.26
CA ILE C 37 37.76 20.83 -22.82
C ILE C 37 37.30 21.97 -23.73
N GLN C 38 36.02 21.97 -24.09
CA GLN C 38 35.37 23.02 -24.92
C GLN C 38 34.46 23.85 -24.03
N ILE C 39 34.79 25.14 -23.84
CA ILE C 39 34.04 26.07 -22.96
C ILE C 39 32.95 26.73 -23.78
N ILE C 40 31.71 26.66 -23.30
CA ILE C 40 30.52 27.33 -23.91
C ILE C 40 30.44 28.73 -23.31
N LEU C 41 30.49 29.76 -24.15
CA LEU C 41 30.51 31.19 -23.74
C LEU C 41 29.15 31.84 -23.99
N GLU C 42 28.71 31.83 -25.25
CA GLU C 42 27.44 32.46 -25.69
C GLU C 42 26.45 31.37 -26.07
N ARG C 43 25.18 31.61 -25.77
CA ARG C 43 24.03 30.76 -26.16
C ARG C 43 22.92 31.67 -26.67
N ASP C 44 22.04 31.14 -27.52
CA ASP C 44 20.84 31.85 -28.05
C ASP C 44 19.80 31.96 -26.93
N ARG C 45 18.65 32.58 -27.22
CA ARG C 45 17.56 32.85 -26.23
C ARG C 45 17.06 31.53 -25.63
N THR C 46 16.99 30.45 -26.41
CA THR C 46 16.65 29.07 -25.96
C THR C 46 17.85 28.47 -25.23
N GLY C 47 19.04 28.58 -25.85
CA GLY C 47 20.29 27.90 -25.44
C GLY C 47 20.84 27.11 -26.60
N LYS C 48 21.87 27.63 -27.26
CA LYS C 48 22.50 27.04 -28.48
C LYS C 48 24.01 27.13 -28.35
N PRO C 49 24.78 26.16 -28.90
CA PRO C 49 26.24 26.22 -28.80
C PRO C 49 26.79 27.25 -29.81
N THR C 50 26.51 28.53 -29.58
CA THR C 50 26.81 29.63 -30.54
C THR C 50 28.32 29.93 -30.51
N LYS C 51 28.91 29.96 -29.30
CA LYS C 51 30.33 30.32 -29.08
C LYS C 51 31.02 29.27 -28.20
N THR C 52 32.15 28.74 -28.68
CA THR C 52 32.97 27.69 -28.02
C THR C 52 34.45 28.07 -28.09
N ILE C 53 35.12 28.09 -26.94
CA ILE C 53 36.60 28.27 -26.82
C ILE C 53 37.23 26.92 -26.46
N ASP C 54 38.22 26.48 -27.23
CA ASP C 54 39.07 25.31 -26.89
C ASP C 54 40.01 25.72 -25.77
N TYR C 55 40.17 24.85 -24.77
CA TYR C 55 41.13 24.98 -23.64
C TYR C 55 41.97 23.70 -23.60
N GLU C 56 43.27 23.82 -23.90
CA GLU C 56 44.22 22.68 -23.92
C GLU C 56 44.46 22.21 -22.48
N ILE C 57 44.32 20.91 -22.22
CA ILE C 57 44.48 20.33 -20.85
C ILE C 57 45.89 19.76 -20.77
N LYS C 58 46.80 20.46 -20.09
CA LYS C 58 48.21 20.03 -19.86
C LYS C 58 48.25 19.17 -18.60
N LYS C 59 49.36 18.49 -18.34
CA LYS C 59 49.45 17.35 -17.38
C LYS C 59 49.14 17.80 -15.95
N PRO C 60 49.37 19.06 -15.55
CA PRO C 60 48.72 19.62 -14.37
C PRO C 60 47.22 19.73 -14.64
N TYR C 61 46.42 18.83 -14.04
CA TYR C 61 44.99 18.63 -14.41
C TYR C 61 44.08 19.42 -13.49
N PRO C 62 43.01 20.02 -14.03
CA PRO C 62 42.00 20.67 -13.19
C PRO C 62 41.39 19.62 -12.27
N THR C 63 41.40 19.89 -10.95
CA THR C 63 40.74 19.03 -9.94
C THR C 63 39.25 18.95 -10.28
N ILE C 64 38.70 17.73 -10.32
CA ILE C 64 37.23 17.49 -10.44
C ILE C 64 36.66 17.54 -9.03
N GLU C 65 35.79 18.50 -8.77
CA GLU C 65 35.14 18.65 -7.44
C GLU C 65 33.74 18.04 -7.52
N ILE C 66 33.50 17.00 -6.73
CA ILE C 66 32.14 16.42 -6.56
C ILE C 66 31.49 17.19 -5.40
N ARG C 67 30.46 17.97 -5.71
CA ARG C 67 29.75 18.82 -4.72
C ARG C 67 28.37 18.21 -4.49
N VAL C 68 28.08 17.87 -3.23
CA VAL C 68 26.84 17.18 -2.81
C VAL C 68 26.12 18.07 -1.81
N PRO C 69 24.84 18.43 -2.03
CA PRO C 69 24.04 19.09 -1.01
C PRO C 69 23.57 18.09 0.05
N GLN C 70 23.82 18.37 1.34
CA GLN C 70 23.42 17.47 2.45
C GLN C 70 21.92 17.28 2.40
N ASN C 71 21.18 18.31 1.95
CA ASN C 71 19.75 18.26 1.62
C ASN C 71 19.62 17.59 0.25
N LEU C 72 19.65 16.27 0.22
CA LEU C 72 19.73 15.50 -1.04
C LEU C 72 18.43 15.67 -1.83
N ALA C 73 17.32 15.95 -1.14
CA ALA C 73 16.00 16.17 -1.75
C ALA C 73 16.01 17.40 -2.67
N SER C 74 16.96 18.33 -2.48
CA SER C 74 17.08 19.59 -3.27
C SER C 74 18.10 19.46 -4.42
N LEU C 75 18.66 18.27 -4.66
CA LEU C 75 19.74 18.11 -5.67
C LEU C 75 19.22 18.47 -7.07
N LYS C 76 18.04 18.00 -7.45
CA LYS C 76 17.50 18.22 -8.83
C LYS C 76 17.28 19.72 -9.07
N LYS C 77 17.08 20.51 -8.02
CA LYS C 77 16.97 21.98 -8.14
C LYS C 77 18.39 22.55 -8.19
N GLU C 78 19.27 22.10 -7.29
CA GLU C 78 20.66 22.64 -7.12
C GLU C 78 21.49 22.44 -8.40
N VAL C 79 21.01 21.66 -9.37
CA VAL C 79 21.76 21.39 -10.65
C VAL C 79 21.36 22.42 -11.73
N LEU C 80 20.30 23.20 -11.51
CA LEU C 80 19.83 24.26 -12.45
C LEU C 80 20.17 25.66 -11.89
N THR C 81 20.38 25.79 -10.57
CA THR C 81 20.45 27.10 -9.86
C THR C 81 21.88 27.67 -9.88
N TRP C 82 22.91 26.83 -10.06
CA TRP C 82 24.34 27.25 -9.95
C TRP C 82 24.89 27.72 -11.30
N ASN C 83 24.02 27.98 -12.27
CA ASN C 83 24.42 28.57 -13.58
C ASN C 83 24.39 30.11 -13.42
N THR C 84 25.48 30.67 -12.88
CA THR C 84 25.71 32.13 -12.68
C THR C 84 26.76 32.59 -13.70
N SER C 85 27.24 33.83 -13.58
CA SER C 85 28.20 34.46 -14.53
C SER C 85 29.62 33.94 -14.25
N GLU C 86 30.00 33.82 -12.97
CA GLU C 86 31.36 33.43 -12.52
C GLU C 86 31.75 32.06 -13.12
N TYR C 87 30.79 31.13 -13.24
CA TYR C 87 31.00 29.76 -13.77
C TYR C 87 30.45 29.67 -15.20
N LYS C 88 31.10 28.86 -16.02
CA LYS C 88 30.67 28.55 -17.42
C LYS C 88 30.58 27.05 -17.63
N GLN C 89 29.71 26.64 -18.55
CA GLN C 89 29.51 25.21 -18.89
C GLN C 89 30.61 24.78 -19.86
N ILE C 90 31.33 23.71 -19.52
CA ILE C 90 32.31 23.06 -20.42
C ILE C 90 31.79 21.68 -20.81
N PHE C 91 32.37 21.12 -21.86
CA PHE C 91 32.12 19.73 -22.27
C PHE C 91 33.39 19.15 -22.89
N ILE C 92 33.42 17.83 -22.99
CA ILE C 92 34.57 17.05 -23.49
C ILE C 92 34.01 16.01 -24.46
N ASN C 93 34.49 16.01 -25.69
CA ASN C 93 34.14 14.98 -26.69
C ASN C 93 35.09 13.79 -26.52
N ALA C 94 34.77 12.91 -25.58
CA ALA C 94 35.53 11.67 -25.30
C ALA C 94 35.08 10.60 -26.30
N ALA C 95 35.97 9.66 -26.57
CA ALA C 95 35.75 8.56 -27.53
C ALA C 95 34.98 7.40 -26.87
N SER C 96 34.92 7.36 -25.54
CA SER C 96 34.26 6.29 -24.74
C SER C 96 32.76 6.24 -25.02
N ARG C 97 32.17 7.41 -25.31
CA ARG C 97 30.70 7.59 -25.51
C ARG C 97 30.44 8.37 -26.81
N THR C 98 29.27 8.15 -27.41
CA THR C 98 28.80 8.80 -28.66
C THR C 98 28.18 10.17 -28.38
N TYR C 99 28.09 10.60 -27.12
CA TYR C 99 27.72 11.99 -26.75
C TYR C 99 28.74 12.52 -25.75
N PRO C 100 29.03 13.84 -25.77
CA PRO C 100 30.08 14.40 -24.92
C PRO C 100 29.71 14.40 -23.44
N PHE C 101 30.71 14.46 -22.57
CA PHE C 101 30.57 14.69 -21.11
C PHE C 101 30.44 16.18 -20.86
N PHE C 102 29.40 16.61 -20.13
CA PHE C 102 29.12 18.02 -19.80
C PHE C 102 29.39 18.25 -18.31
N LEU C 103 30.21 19.26 -17.98
CA LEU C 103 30.51 19.64 -16.58
C LEU C 103 30.42 21.16 -16.44
N GLN C 104 30.66 21.65 -15.22
CA GLN C 104 30.76 23.10 -14.92
C GLN C 104 32.24 23.41 -14.67
N GLY C 105 32.67 24.64 -14.99
CA GLY C 105 34.02 25.15 -14.69
C GLY C 105 33.97 26.55 -14.09
N GLU C 106 34.94 26.86 -13.22
CA GLU C 106 35.22 28.25 -12.75
C GLU C 106 36.37 28.82 -13.58
N PHE C 107 36.31 30.12 -13.94
CA PHE C 107 37.29 30.75 -14.87
C PHE C 107 37.83 32.08 -14.34
N LYS C 108 39.03 32.42 -14.80
CA LYS C 108 39.68 33.76 -14.65
C LYS C 108 40.22 34.20 -16.02
N GLU C 109 39.36 34.68 -16.91
CA GLU C 109 39.70 34.83 -18.35
C GLU C 109 39.99 33.43 -18.88
N ASP C 110 41.15 33.17 -19.51
CA ASP C 110 41.48 31.79 -19.96
C ASP C 110 42.20 31.06 -18.83
N GLN C 111 41.51 30.78 -17.72
CA GLN C 111 42.12 30.13 -16.52
C GLN C 111 41.11 29.17 -15.86
N ILE C 112 41.29 27.87 -16.09
CA ILE C 112 40.45 26.81 -15.47
C ILE C 112 40.88 26.63 -14.01
N LEU C 113 40.09 27.16 -13.06
CA LEU C 113 40.39 27.05 -11.62
C LEU C 113 40.08 25.63 -11.17
N SER C 114 38.86 25.17 -11.42
CA SER C 114 38.39 23.79 -11.13
C SER C 114 37.21 23.44 -12.02
N ILE C 115 37.03 22.14 -12.30
CA ILE C 115 35.81 21.56 -12.94
C ILE C 115 35.04 20.84 -11.83
N PHE C 116 33.74 21.10 -11.71
CA PHE C 116 32.89 20.47 -10.67
C PHE C 116 31.67 19.82 -11.32
N ASP C 117 31.06 18.92 -10.56
CA ASP C 117 29.78 18.24 -10.91
C ASP C 117 28.98 18.03 -9.62
N ILE C 118 27.66 18.06 -9.75
CA ILE C 118 26.70 17.56 -8.72
C ILE C 118 26.20 16.21 -9.20
N PRO C 119 26.56 15.10 -8.52
CA PRO C 119 26.25 13.76 -9.02
C PRO C 119 24.74 13.54 -8.95
N THR C 120 24.04 13.75 -10.07
CA THR C 120 22.57 13.57 -10.16
C THR C 120 22.19 12.11 -9.88
N THR C 121 23.11 11.16 -10.10
CA THR C 121 22.90 9.72 -9.82
C THR C 121 22.59 9.54 -8.33
N LEU C 122 23.17 10.38 -7.47
CA LEU C 122 23.01 10.22 -6.00
C LEU C 122 21.57 10.54 -5.57
N TYR C 123 20.83 11.26 -6.41
CA TYR C 123 19.39 11.57 -6.16
C TYR C 123 18.62 10.25 -6.08
N ALA C 124 19.02 9.25 -6.87
CA ALA C 124 18.37 7.91 -6.94
C ALA C 124 18.49 7.23 -5.57
N SER C 125 19.54 7.58 -4.84
CA SER C 125 19.75 7.12 -3.45
C SER C 125 18.57 7.63 -2.61
N TYR C 126 18.32 8.94 -2.67
CA TYR C 126 17.22 9.61 -1.95
C TYR C 126 15.89 8.97 -2.32
N LEU C 127 15.61 8.86 -3.61
CA LEU C 127 14.33 8.26 -4.11
C LEU C 127 14.15 6.84 -3.58
N THR C 128 15.21 6.03 -3.51
CA THR C 128 15.17 4.65 -2.97
C THR C 128 14.73 4.68 -1.51
N ILE C 129 15.26 5.63 -0.73
CA ILE C 129 14.85 5.81 0.70
C ILE C 129 13.36 6.11 0.74
N LYS C 130 12.89 7.07 -0.04
CA LYS C 130 11.49 7.55 -0.01
C LYS C 130 10.52 6.41 -0.33
N GLU C 131 10.97 5.35 -1.02
CA GLU C 131 10.11 4.21 -1.40
C GLU C 131 10.17 3.07 -0.37
N LEU C 132 11.29 2.89 0.33
CA LEU C 132 11.48 1.76 1.27
C LEU C 132 10.91 2.10 2.65
N PHE C 133 10.94 3.37 3.06
CA PHE C 133 10.51 3.78 4.41
C PHE C 133 9.19 4.52 4.29
N THR C 134 8.31 4.33 5.27
CA THR C 134 7.02 5.05 5.38
C THR C 134 7.35 6.48 5.78
N ASP C 135 6.48 7.43 5.44
CA ASP C 135 6.67 8.87 5.77
C ASP C 135 6.52 9.07 7.29
N SER C 136 5.73 8.23 7.94
CA SER C 136 5.53 8.19 9.42
C SER C 136 6.89 7.98 10.10
N PHE C 137 7.60 6.93 9.68
CA PHE C 137 8.97 6.59 10.16
C PHE C 137 9.92 7.77 9.90
N LEU C 138 9.96 8.28 8.67
CA LEU C 138 10.97 9.28 8.21
C LEU C 138 10.82 10.59 8.96
N LYS C 139 9.63 10.93 9.45
CA LYS C 139 9.39 12.27 10.06
C LYS C 139 9.64 12.20 11.57
N THR C 140 10.15 11.09 12.06
CA THR C 140 10.43 10.86 13.50
C THR C 140 11.94 10.69 13.71
N GLN C 141 12.54 11.40 14.67
CA GLN C 141 13.92 11.16 15.16
C GLN C 141 14.95 11.31 14.03
N ASN C 142 14.79 12.32 13.17
CA ASN C 142 15.81 12.68 12.14
C ASN C 142 16.17 11.46 11.28
N ASN C 143 15.22 10.55 11.06
CA ASN C 143 15.47 9.27 10.34
C ASN C 143 15.80 9.54 8.87
N GLU C 144 15.01 10.39 8.18
CA GLU C 144 15.33 10.81 6.79
C GLU C 144 16.77 11.36 6.74
N ARG C 145 17.19 12.21 7.69
CA ARG C 145 18.54 12.82 7.63
C ARG C 145 19.59 11.75 7.94
N LYS C 146 19.35 10.88 8.91
CA LYS C 146 20.31 9.81 9.27
C LYS C 146 20.56 8.93 8.05
N LEU C 147 19.50 8.53 7.35
CA LEU C 147 19.59 7.65 6.15
C LEU C 147 20.31 8.41 5.03
N ILE C 148 19.96 9.67 4.80
CA ILE C 148 20.57 10.49 3.72
C ILE C 148 22.06 10.64 4.01
N ASN C 149 22.43 10.84 5.28
CA ASN C 149 23.85 11.03 5.69
C ASN C 149 24.60 9.73 5.47
N LYS C 150 23.95 8.62 5.74
CA LYS C 150 24.52 7.27 5.54
C LYS C 150 24.78 7.08 4.03
N GLU C 151 23.81 7.47 3.20
CA GLU C 151 23.89 7.25 1.73
C GLU C 151 25.01 8.10 1.14
N ILE C 152 25.14 9.35 1.58
CA ILE C 152 26.19 10.30 1.09
C ILE C 152 27.56 9.75 1.51
N ARG C 153 27.70 9.44 2.79
CA ARG C 153 28.98 8.91 3.34
C ARG C 153 29.36 7.65 2.53
N ASN C 154 28.43 6.73 2.31
CA ASN C 154 28.67 5.44 1.61
C ASN C 154 29.07 5.69 0.15
N PHE C 155 28.46 6.68 -0.50
CA PHE C 155 28.78 7.07 -1.89
C PHE C 155 30.23 7.58 -1.96
N GLU C 156 30.64 8.43 -1.02
CA GLU C 156 32.03 9.00 -1.01
C GLU C 156 33.02 7.91 -0.62
N ARG C 157 32.69 7.07 0.34
CA ARG C 157 33.60 5.98 0.76
C ARG C 157 33.78 5.02 -0.43
N THR C 158 32.71 4.67 -1.13
CA THR C 158 32.76 3.72 -2.28
C THR C 158 33.63 4.34 -3.39
N LEU C 159 33.46 5.61 -3.69
CA LEU C 159 34.28 6.32 -4.71
C LEU C 159 35.76 6.33 -4.30
N SER C 160 36.06 6.50 -3.02
CA SER C 160 37.45 6.52 -2.49
C SER C 160 38.12 5.19 -2.83
N LYS C 161 37.43 4.07 -2.62
CA LYS C 161 37.98 2.70 -2.85
C LYS C 161 38.09 2.40 -4.34
N LEU C 162 37.34 3.08 -5.19
CA LEU C 162 37.41 2.87 -6.66
C LEU C 162 38.44 3.83 -7.26
N ILE C 163 38.46 5.08 -6.80
CA ILE C 163 39.41 6.13 -7.31
C ILE C 163 40.67 6.03 -6.46
N ASP C 164 40.76 5.01 -5.62
CA ASP C 164 42.04 4.90 -4.91
C ASP C 164 43.04 4.92 -6.03
N ASP C 165 44.02 5.82 -5.94
CA ASP C 165 44.93 5.97 -7.09
C ASP C 165 46.22 5.21 -6.80
N THR C 166 46.77 4.53 -7.80
CA THR C 166 48.12 3.96 -7.58
C THR C 166 49.14 5.10 -7.55
N ILE C 167 48.82 6.24 -8.19
CA ILE C 167 49.67 7.47 -8.24
C ILE C 167 49.31 8.40 -7.07
N GLU C 168 48.19 8.14 -6.38
CA GLU C 168 47.63 8.94 -5.25
C GLU C 168 47.74 10.43 -5.57
N GLU C 169 47.29 10.83 -6.77
CA GLU C 169 47.15 12.24 -7.21
C GLU C 169 45.87 12.82 -6.61
N LYS C 170 44.79 12.01 -6.63
CA LYS C 170 43.46 12.38 -6.09
C LYS C 170 43.01 13.68 -6.78
N PHE C 171 42.84 13.61 -8.10
CA PHE C 171 42.33 14.70 -8.99
C PHE C 171 40.90 15.08 -8.60
N TYR C 172 40.30 14.35 -7.65
CA TYR C 172 38.90 14.56 -7.19
C TYR C 172 38.95 15.16 -5.78
N LYS C 173 38.06 16.12 -5.51
CA LYS C 173 37.71 16.55 -4.14
C LYS C 173 36.22 16.26 -3.94
N PHE C 174 35.85 15.87 -2.73
CA PHE C 174 34.45 15.56 -2.33
C PHE C 174 34.03 16.52 -1.22
N THR C 175 33.16 17.48 -1.55
CA THR C 175 32.67 18.50 -0.60
C THR C 175 31.16 18.38 -0.48
N ILE C 176 30.70 18.31 0.76
CA ILE C 176 29.26 18.39 1.13
C ILE C 176 28.98 19.84 1.55
N TYR C 177 27.91 20.42 1.04
CA TYR C 177 27.47 21.80 1.38
C TYR C 177 26.01 21.76 1.80
N PHE D 5 18.73 0.59 11.14
CA PHE D 5 17.98 0.34 9.89
C PHE D 5 18.93 -0.34 8.89
N ASN D 6 18.63 -1.59 8.56
CA ASN D 6 19.34 -2.42 7.56
C ASN D 6 18.39 -2.57 6.37
N TYR D 7 18.62 -1.79 5.32
CA TYR D 7 17.90 -1.90 4.04
C TYR D 7 18.93 -1.95 2.92
N THR D 8 19.07 -3.11 2.30
CA THR D 8 19.90 -3.30 1.09
C THR D 8 18.93 -3.52 -0.07
N VAL D 9 19.36 -3.12 -1.27
CA VAL D 9 18.66 -3.37 -2.55
C VAL D 9 19.58 -4.23 -3.42
N LEU D 10 19.07 -4.76 -4.51
CA LEU D 10 19.93 -5.36 -5.56
C LEU D 10 20.67 -4.24 -6.25
N PRO D 11 21.91 -4.47 -6.71
CA PRO D 11 22.67 -3.44 -7.39
C PRO D 11 21.87 -2.76 -8.52
N SER D 12 21.14 -3.54 -9.34
CA SER D 12 20.42 -3.01 -10.55
C SER D 12 19.14 -2.26 -10.14
N THR D 13 18.64 -2.44 -8.91
CA THR D 13 17.46 -1.70 -8.39
C THR D 13 17.69 -0.18 -8.47
N SER D 14 18.70 0.28 -7.73
CA SER D 14 18.99 1.72 -7.55
C SER D 14 19.43 2.29 -8.91
N LEU D 15 20.12 1.50 -9.72
CA LEU D 15 20.53 1.92 -11.09
C LEU D 15 19.27 2.21 -11.91
N ALA D 16 18.31 1.29 -11.92
CA ALA D 16 17.02 1.43 -12.64
C ALA D 16 16.22 2.63 -12.09
N VAL D 17 16.19 2.83 -10.77
CA VAL D 17 15.53 4.01 -10.17
C VAL D 17 16.11 5.26 -10.82
N GLY D 18 17.45 5.36 -10.87
CA GLY D 18 18.16 6.48 -11.52
C GLY D 18 17.86 6.54 -13.00
N TYR D 19 17.94 5.40 -13.68
CA TYR D 19 17.74 5.32 -15.15
C TYR D 19 16.34 5.86 -15.52
N TYR D 20 15.33 5.49 -14.73
CA TYR D 20 13.95 6.00 -14.92
C TYR D 20 13.87 7.50 -14.56
N TYR D 21 14.07 7.87 -13.30
CA TYR D 21 13.77 9.24 -12.80
C TYR D 21 14.71 10.28 -13.42
N ASN D 22 15.91 9.88 -13.82
CA ASN D 22 16.92 10.84 -14.34
C ASN D 22 17.06 10.70 -15.85
N PHE D 23 16.31 9.82 -16.52
CA PHE D 23 16.43 9.69 -18.00
C PHE D 23 15.09 9.42 -18.69
N LEU D 24 14.49 8.23 -18.50
CA LEU D 24 13.31 7.81 -19.32
C LEU D 24 12.13 8.75 -19.09
N ARG D 25 11.83 9.07 -17.83
CA ARG D 25 10.65 9.90 -17.48
C ARG D 25 10.85 11.28 -18.10
N GLU D 26 12.07 11.81 -18.03
CA GLU D 26 12.43 13.15 -18.58
C GLU D 26 12.18 13.13 -20.09
N ILE D 27 12.51 12.04 -20.77
CA ILE D 27 12.34 11.90 -22.25
C ILE D 27 10.85 11.95 -22.56
N LEU D 28 10.05 11.16 -21.83
CA LEU D 28 8.58 11.07 -22.03
C LEU D 28 7.93 12.45 -21.85
N GLU D 29 8.27 13.17 -20.78
CA GLU D 29 7.62 14.45 -20.38
C GLU D 29 8.17 15.61 -21.23
N ALA D 30 9.38 15.49 -21.77
CA ALA D 30 9.92 16.40 -22.81
C ALA D 30 9.14 16.17 -24.12
N PHE D 31 8.66 14.94 -24.36
CA PHE D 31 7.75 14.62 -25.49
C PHE D 31 6.41 15.34 -25.29
N ASN D 32 5.86 15.27 -24.07
CA ASN D 32 4.51 15.80 -23.72
C ASN D 32 4.54 17.33 -23.55
N ASN D 33 5.70 17.91 -23.21
CA ASN D 33 5.85 19.40 -23.12
C ASN D 33 6.00 19.99 -24.52
N GLN D 34 6.05 19.13 -25.55
CA GLN D 34 6.01 19.50 -27.01
C GLN D 34 7.38 20.03 -27.45
N LYS D 35 8.41 19.99 -26.59
CA LYS D 35 9.82 20.21 -27.00
C LYS D 35 10.21 19.06 -27.93
N SER D 36 10.37 19.36 -29.23
CA SER D 36 10.55 18.34 -30.30
C SER D 36 12.02 17.92 -30.39
N ILE D 37 12.29 16.88 -31.17
CA ILE D 37 13.62 16.23 -31.26
C ILE D 37 14.42 16.89 -32.37
N GLN D 38 15.73 16.98 -32.16
CA GLN D 38 16.72 17.48 -33.15
C GLN D 38 17.49 16.26 -33.66
N ILE D 39 17.47 16.02 -34.97
CA ILE D 39 18.28 14.95 -35.63
C ILE D 39 19.63 15.54 -35.98
N ILE D 40 20.72 14.86 -35.62
CA ILE D 40 22.12 15.30 -35.90
C ILE D 40 22.55 14.69 -37.23
N LEU D 41 23.02 15.52 -38.17
CA LEU D 41 23.40 15.11 -39.56
C LEU D 41 24.92 15.13 -39.73
N GLU D 42 25.50 16.29 -39.43
CA GLU D 42 26.96 16.48 -39.53
C GLU D 42 27.51 17.04 -38.22
N ARG D 43 28.69 16.58 -37.82
CA ARG D 43 29.37 17.02 -36.57
C ARG D 43 30.85 17.26 -36.88
N ASP D 44 31.41 18.34 -36.32
CA ASP D 44 32.84 18.70 -36.49
C ASP D 44 33.68 17.81 -35.54
N ARG D 45 34.98 18.10 -35.39
CA ARG D 45 35.90 17.36 -34.47
C ARG D 45 35.34 17.37 -33.04
N THR D 46 34.84 18.54 -32.61
CA THR D 46 34.13 18.74 -31.32
C THR D 46 32.78 18.04 -31.41
N GLY D 47 32.16 17.71 -30.28
CA GLY D 47 30.80 17.12 -30.22
C GLY D 47 29.75 18.04 -30.81
N LYS D 48 30.09 19.32 -30.98
CA LYS D 48 29.27 20.39 -31.61
C LYS D 48 28.74 19.91 -32.96
N PRO D 49 27.41 19.74 -33.14
CA PRO D 49 26.83 19.48 -34.46
C PRO D 49 26.70 20.79 -35.24
N THR D 50 26.59 20.70 -36.56
CA THR D 50 26.39 21.86 -37.45
C THR D 50 25.00 21.75 -38.08
N LYS D 51 24.72 20.62 -38.73
CA LYS D 51 23.41 20.32 -39.36
C LYS D 51 22.49 19.62 -38.36
N THR D 52 21.35 20.23 -38.03
CA THR D 52 20.29 19.64 -37.19
C THR D 52 18.93 19.82 -37.86
N ILE D 53 18.23 18.72 -38.14
CA ILE D 53 16.82 18.74 -38.62
C ILE D 53 15.91 18.69 -37.39
N ASP D 54 14.92 19.58 -37.34
CA ASP D 54 13.82 19.49 -36.34
C ASP D 54 12.84 18.43 -36.84
N TYR D 55 12.49 17.47 -35.98
CA TYR D 55 11.35 16.54 -36.17
C TYR D 55 10.30 16.85 -35.09
N GLU D 56 9.11 17.27 -35.52
CA GLU D 56 8.04 17.72 -34.60
C GLU D 56 7.52 16.54 -33.77
N ILE D 57 7.15 16.81 -32.53
CA ILE D 57 6.48 15.81 -31.64
C ILE D 57 5.20 15.37 -32.33
N LYS D 58 5.01 14.06 -32.52
CA LYS D 58 3.73 13.53 -33.04
C LYS D 58 3.04 12.76 -31.92
N LYS D 59 1.83 13.17 -31.54
CA LYS D 59 1.05 12.45 -30.50
C LYS D 59 1.16 10.94 -30.77
N PRO D 60 0.97 10.41 -32.01
CA PRO D 60 1.33 9.01 -32.26
C PRO D 60 2.84 8.79 -32.11
N TYR D 61 3.29 8.22 -30.98
CA TYR D 61 4.71 8.27 -30.53
C TYR D 61 5.55 7.17 -31.19
N PRO D 62 6.85 7.43 -31.43
CA PRO D 62 7.78 6.36 -31.79
C PRO D 62 8.04 5.51 -30.54
N THR D 63 8.29 4.23 -30.72
CA THR D 63 8.50 3.27 -29.61
C THR D 63 9.92 3.43 -29.08
N ILE D 64 10.06 3.57 -27.75
CA ILE D 64 11.39 3.65 -27.05
C ILE D 64 11.84 2.23 -26.73
N GLU D 65 12.89 1.76 -27.40
CA GLU D 65 13.39 0.37 -27.27
C GLU D 65 14.67 0.38 -26.43
N ILE D 66 14.64 -0.24 -25.25
CA ILE D 66 15.85 -0.41 -24.39
C ILE D 66 16.48 -1.76 -24.77
N ARG D 67 17.65 -1.72 -25.38
CA ARG D 67 18.32 -2.92 -25.93
C ARG D 67 19.57 -3.21 -25.10
N VAL D 68 19.59 -4.33 -24.39
CA VAL D 68 20.66 -4.67 -23.42
C VAL D 68 21.26 -6.01 -23.81
N PRO D 69 22.59 -6.07 -24.06
CA PRO D 69 23.23 -7.32 -24.44
C PRO D 69 23.38 -8.28 -23.25
N GLN D 70 22.97 -9.54 -23.45
CA GLN D 70 23.04 -10.60 -22.42
C GLN D 70 24.48 -10.65 -21.90
N ASN D 71 25.45 -10.53 -22.80
CA ASN D 71 26.88 -10.35 -22.41
C ASN D 71 27.00 -8.91 -21.94
N LEU D 72 26.65 -8.70 -20.67
CA LEU D 72 26.67 -7.39 -20.01
C LEU D 72 28.12 -6.86 -19.94
N ALA D 73 29.11 -7.76 -19.94
CA ALA D 73 30.55 -7.38 -19.96
C ALA D 73 30.91 -6.62 -21.25
N SER D 74 30.14 -6.77 -22.33
CA SER D 74 30.48 -6.21 -23.68
C SER D 74 29.76 -4.89 -23.95
N LEU D 75 29.02 -4.38 -22.96
CA LEU D 75 28.07 -3.24 -23.13
C LEU D 75 28.82 -1.95 -23.52
N LYS D 76 29.95 -1.64 -22.89
CA LYS D 76 30.67 -0.36 -23.15
C LYS D 76 31.25 -0.35 -24.57
N LYS D 77 31.57 -1.53 -25.11
CA LYS D 77 31.99 -1.71 -26.53
C LYS D 77 30.75 -1.56 -27.42
N GLU D 78 29.64 -2.19 -27.04
CA GLU D 78 28.37 -2.27 -27.83
C GLU D 78 27.68 -0.90 -27.97
N VAL D 79 28.10 0.17 -27.26
CA VAL D 79 27.43 1.51 -27.33
C VAL D 79 28.09 2.39 -28.41
N LEU D 80 29.15 1.92 -29.08
CA LEU D 80 29.85 2.65 -30.18
C LEU D 80 29.79 1.86 -31.49
N THR D 81 28.88 0.88 -31.62
CA THR D 81 28.82 -0.05 -32.77
C THR D 81 27.54 0.14 -33.59
N TRP D 82 26.58 0.97 -33.13
CA TRP D 82 25.23 1.08 -33.74
C TRP D 82 25.00 2.47 -34.34
N ASN D 83 26.04 3.28 -34.50
CA ASN D 83 25.93 4.58 -35.20
C ASN D 83 26.33 4.38 -36.67
N THR D 84 25.40 3.87 -37.48
CA THR D 84 25.59 3.53 -38.92
C THR D 84 24.86 4.57 -39.78
N SER D 85 24.53 4.23 -41.04
CA SER D 85 23.88 5.14 -42.03
C SER D 85 22.37 5.17 -41.83
N GLU D 86 21.76 4.03 -41.45
CA GLU D 86 20.29 3.90 -41.25
C GLU D 86 19.87 4.59 -39.96
N TYR D 87 20.79 4.63 -38.98
CA TYR D 87 20.57 5.25 -37.65
C TYR D 87 21.27 6.59 -37.56
N LYS D 88 20.60 7.56 -36.94
CA LYS D 88 21.11 8.92 -36.68
C LYS D 88 20.98 9.24 -35.19
N GLN D 89 21.98 9.91 -34.62
CA GLN D 89 21.92 10.41 -33.23
C GLN D 89 20.91 11.57 -33.17
N ILE D 90 20.03 11.52 -32.19
CA ILE D 90 19.07 12.62 -31.89
C ILE D 90 19.41 13.16 -30.50
N PHE D 91 18.86 14.31 -30.15
CA PHE D 91 18.89 14.85 -28.77
C PHE D 91 17.62 15.65 -28.51
N ILE D 92 17.28 15.80 -27.23
CA ILE D 92 16.06 16.47 -26.70
C ILE D 92 16.52 17.42 -25.60
N ASN D 93 16.35 18.72 -25.82
CA ASN D 93 16.74 19.73 -24.82
C ASN D 93 15.57 19.86 -23.84
N ALA D 94 15.66 19.17 -22.71
CA ALA D 94 14.67 19.26 -21.61
C ALA D 94 15.17 20.25 -20.56
N ALA D 95 14.21 20.93 -19.91
CA ALA D 95 14.42 21.96 -18.87
C ALA D 95 14.84 21.33 -17.54
N SER D 96 14.80 20.00 -17.43
CA SER D 96 15.15 19.24 -16.20
C SER D 96 16.66 19.20 -15.98
N ARG D 97 17.45 19.36 -17.06
CA ARG D 97 18.95 19.26 -17.00
C ARG D 97 19.55 20.36 -17.88
N THR D 98 20.76 20.83 -17.54
CA THR D 98 21.47 21.93 -18.25
C THR D 98 22.25 21.40 -19.46
N TYR D 99 22.23 20.10 -19.74
CA TYR D 99 22.73 19.53 -21.01
C TYR D 99 21.68 18.57 -21.55
N PRO D 100 21.48 18.53 -22.89
CA PRO D 100 20.35 17.80 -23.46
C PRO D 100 20.52 16.29 -23.31
N PHE D 101 19.43 15.56 -23.53
CA PHE D 101 19.39 14.07 -23.51
C PHE D 101 19.72 13.56 -24.91
N PHE D 102 20.74 12.72 -25.03
CA PHE D 102 21.19 12.12 -26.32
C PHE D 102 20.63 10.71 -26.43
N LEU D 103 20.02 10.41 -27.57
CA LEU D 103 19.55 9.05 -27.92
C LEU D 103 20.04 8.70 -29.32
N GLN D 104 19.72 7.49 -29.77
CA GLN D 104 19.92 7.02 -31.16
C GLN D 104 18.53 6.77 -31.70
N GLY D 105 18.32 7.03 -33.00
CA GLY D 105 17.01 6.88 -33.65
C GLY D 105 17.14 6.16 -34.98
N GLU D 106 16.15 5.33 -35.30
CA GLU D 106 16.05 4.68 -36.64
C GLU D 106 15.18 5.55 -37.56
N PHE D 107 15.80 6.13 -38.60
CA PHE D 107 15.14 7.02 -39.58
C PHE D 107 15.18 6.38 -40.97
N LYS D 108 14.02 5.94 -41.45
CA LYS D 108 13.78 5.54 -42.85
C LYS D 108 12.97 6.66 -43.51
N GLU D 109 13.49 7.24 -44.61
CA GLU D 109 12.95 8.44 -45.32
C GLU D 109 12.71 9.58 -44.31
N ASP D 110 11.53 10.21 -44.30
CA ASP D 110 11.15 11.25 -43.30
C ASP D 110 10.23 10.63 -42.25
N GLN D 111 10.58 9.44 -41.74
CA GLN D 111 9.85 8.75 -40.65
C GLN D 111 10.85 8.28 -39.59
N ILE D 112 10.64 8.70 -38.34
CA ILE D 112 11.26 8.12 -37.11
C ILE D 112 10.50 6.83 -36.75
N LEU D 113 11.10 5.66 -36.99
CA LEU D 113 10.45 4.35 -36.73
C LEU D 113 10.46 4.07 -35.23
N SER D 114 11.63 4.19 -34.60
CA SER D 114 11.83 3.97 -33.15
C SER D 114 13.12 4.64 -32.68
N ILE D 115 13.15 5.01 -31.40
CA ILE D 115 14.37 5.52 -30.69
C ILE D 115 14.80 4.44 -29.71
N PHE D 116 16.08 4.07 -29.71
CA PHE D 116 16.59 3.00 -28.83
C PHE D 116 17.72 3.53 -27.96
N ASP D 117 17.91 2.90 -26.80
CA ASP D 117 19.03 3.19 -25.89
C ASP D 117 19.59 1.88 -25.36
N ILE D 118 20.90 1.83 -25.13
CA ILE D 118 21.58 0.76 -24.35
C ILE D 118 22.00 1.32 -23.01
N PRO D 119 21.34 0.92 -21.89
CA PRO D 119 21.51 1.59 -20.60
C PRO D 119 22.92 1.39 -20.00
N THR D 120 23.77 2.39 -20.16
CA THR D 120 25.20 2.31 -19.76
C THR D 120 25.25 1.98 -18.27
N THR D 121 24.31 2.53 -17.50
CA THR D 121 24.30 2.40 -16.01
C THR D 121 24.27 0.91 -15.64
N LEU D 122 23.68 0.08 -16.49
CA LEU D 122 23.49 -1.36 -16.18
C LEU D 122 24.85 -2.07 -16.15
N TYR D 123 25.86 -1.48 -16.79
CA TYR D 123 27.26 -1.94 -16.72
C TYR D 123 27.76 -1.96 -15.28
N ALA D 124 27.34 -1.01 -14.45
CA ALA D 124 27.72 -0.94 -13.01
C ALA D 124 27.28 -2.21 -12.28
N SER D 125 26.10 -2.74 -12.65
CA SER D 125 25.56 -4.02 -12.17
C SER D 125 26.61 -5.13 -12.36
N TYR D 126 27.12 -5.27 -13.59
CA TYR D 126 28.11 -6.31 -13.96
C TYR D 126 29.36 -6.17 -13.07
N LEU D 127 29.84 -4.94 -12.91
CA LEU D 127 31.08 -4.65 -12.15
C LEU D 127 30.87 -4.96 -10.67
N THR D 128 29.68 -4.70 -10.13
CA THR D 128 29.37 -4.96 -8.71
C THR D 128 29.43 -6.46 -8.48
N ILE D 129 28.85 -7.27 -9.38
CA ILE D 129 28.90 -8.75 -9.31
C ILE D 129 30.36 -9.22 -9.32
N LYS D 130 31.16 -8.73 -10.26
CA LYS D 130 32.59 -9.11 -10.39
C LYS D 130 33.32 -8.79 -9.08
N GLU D 131 32.82 -7.85 -8.30
CA GLU D 131 33.46 -7.44 -7.02
C GLU D 131 33.03 -8.34 -5.86
N LEU D 132 31.79 -8.81 -5.86
CA LEU D 132 31.16 -9.50 -4.70
C LEU D 132 31.40 -11.01 -4.78
N PHE D 133 31.58 -11.56 -5.97
CA PHE D 133 31.76 -13.03 -6.20
C PHE D 133 33.19 -13.32 -6.70
N THR D 134 33.78 -14.37 -6.15
CA THR D 134 35.14 -14.83 -6.53
C THR D 134 35.06 -15.37 -7.96
N ASP D 135 36.16 -15.29 -8.71
CA ASP D 135 36.20 -15.72 -10.14
C ASP D 135 36.02 -17.24 -10.19
N SER D 136 36.48 -17.95 -9.15
CA SER D 136 36.23 -19.40 -8.96
C SER D 136 34.72 -19.64 -8.99
N PHE D 137 33.99 -18.97 -8.11
CA PHE D 137 32.52 -19.15 -7.98
C PHE D 137 31.82 -18.81 -9.31
N LEU D 138 32.25 -17.74 -10.00
CA LEU D 138 31.57 -17.22 -11.22
C LEU D 138 31.75 -18.21 -12.38
N LYS D 139 32.90 -18.87 -12.48
CA LYS D 139 33.23 -19.81 -13.58
C LYS D 139 32.62 -21.20 -13.33
N THR D 140 31.98 -21.40 -12.18
CA THR D 140 31.39 -22.70 -11.76
C THR D 140 29.91 -22.75 -12.16
N GLN D 141 29.52 -23.77 -12.95
CA GLN D 141 28.10 -24.15 -13.18
C GLN D 141 27.27 -22.94 -13.64
N ASN D 142 27.80 -22.14 -14.57
CA ASN D 142 27.05 -21.05 -15.24
C ASN D 142 26.60 -19.96 -14.25
N ASN D 143 27.30 -19.77 -13.13
CA ASN D 143 26.91 -18.83 -12.04
C ASN D 143 26.96 -17.39 -12.56
N GLU D 144 27.98 -17.02 -13.33
CA GLU D 144 28.08 -15.65 -13.90
C GLU D 144 26.81 -15.37 -14.67
N ARG D 145 26.43 -16.26 -15.59
CA ARG D 145 25.24 -16.12 -16.47
C ARG D 145 23.98 -15.97 -15.60
N LYS D 146 23.77 -16.86 -14.65
CA LYS D 146 22.62 -16.77 -13.73
C LYS D 146 22.59 -15.34 -13.14
N LEU D 147 23.70 -14.85 -12.60
CA LEU D 147 23.70 -13.59 -11.81
C LEU D 147 23.42 -12.40 -12.72
N ILE D 148 24.06 -12.37 -13.89
CA ILE D 148 23.92 -11.26 -14.88
C ILE D 148 22.47 -11.21 -15.34
N ASN D 149 21.85 -12.36 -15.66
CA ASN D 149 20.46 -12.43 -16.19
C ASN D 149 19.47 -12.03 -15.08
N LYS D 150 19.68 -12.50 -13.85
CA LYS D 150 18.88 -12.08 -12.69
C LYS D 150 18.95 -10.56 -12.53
N GLU D 151 20.12 -9.93 -12.68
CA GLU D 151 20.29 -8.45 -12.53
C GLU D 151 19.58 -7.69 -13.67
N ILE D 152 19.75 -8.13 -14.91
CA ILE D 152 19.10 -7.52 -16.12
C ILE D 152 17.58 -7.59 -15.93
N ARG D 153 17.06 -8.75 -15.50
CA ARG D 153 15.60 -8.99 -15.38
C ARG D 153 15.06 -8.12 -14.23
N ASN D 154 15.83 -7.94 -13.16
CA ASN D 154 15.45 -7.09 -12.01
C ASN D 154 15.41 -5.62 -12.42
N PHE D 155 16.40 -5.19 -13.20
CA PHE D 155 16.48 -3.84 -13.81
C PHE D 155 15.17 -3.55 -14.56
N GLU D 156 14.80 -4.44 -15.52
CA GLU D 156 13.59 -4.33 -16.39
C GLU D 156 12.36 -4.34 -15.49
N ARG D 157 12.38 -5.19 -14.48
CA ARG D 157 11.24 -5.40 -13.56
C ARG D 157 11.03 -4.09 -12.79
N THR D 158 12.12 -3.43 -12.41
CA THR D 158 12.06 -2.18 -11.61
C THR D 158 11.55 -1.03 -12.50
N LEU D 159 11.94 -1.00 -13.78
CA LEU D 159 11.45 0.00 -14.76
C LEU D 159 9.93 -0.16 -14.96
N SER D 160 9.49 -1.40 -15.25
CA SER D 160 8.06 -1.79 -15.41
C SER D 160 7.23 -1.31 -14.20
N LYS D 161 7.69 -1.63 -12.98
CA LYS D 161 7.02 -1.33 -11.69
C LYS D 161 6.98 0.18 -11.49
N LEU D 162 7.98 0.91 -11.99
CA LEU D 162 8.11 2.38 -11.77
C LEU D 162 7.16 3.14 -12.70
N ILE D 163 7.01 2.65 -13.94
CA ILE D 163 6.11 3.26 -14.97
C ILE D 163 4.65 2.99 -14.58
N ASP D 164 4.33 1.78 -14.12
CA ASP D 164 2.92 1.40 -13.79
C ASP D 164 2.46 2.13 -12.52
N ASP D 165 3.39 2.53 -11.65
CA ASP D 165 3.07 3.18 -10.36
C ASP D 165 2.89 4.69 -10.58
N THR D 166 3.00 5.15 -11.83
CA THR D 166 2.75 6.56 -12.23
C THR D 166 1.63 6.52 -13.27
N ILE D 167 1.88 7.00 -14.49
CA ILE D 167 0.92 6.81 -15.62
C ILE D 167 1.66 6.09 -16.75
N GLU D 168 1.12 4.94 -17.16
CA GLU D 168 1.72 4.05 -18.18
C GLU D 168 1.45 4.62 -19.57
N GLU D 169 2.38 5.42 -20.11
CA GLU D 169 2.27 5.91 -21.50
C GLU D 169 2.42 4.72 -22.46
N LYS D 170 2.91 3.57 -21.97
CA LYS D 170 3.17 2.35 -22.79
C LYS D 170 4.04 2.75 -23.98
N PHE D 171 5.15 3.45 -23.68
CA PHE D 171 6.08 4.10 -24.65
C PHE D 171 7.33 3.24 -24.88
N TYR D 172 7.49 2.15 -24.11
CA TYR D 172 8.80 1.45 -23.99
C TYR D 172 8.63 -0.05 -24.18
N LYS D 173 9.60 -0.64 -24.90
CA LYS D 173 9.80 -2.10 -25.03
C LYS D 173 11.20 -2.41 -24.52
N PHE D 174 11.36 -3.53 -23.80
CA PHE D 174 12.65 -3.97 -23.22
C PHE D 174 13.00 -5.33 -23.81
N THR D 175 14.05 -5.36 -24.63
CA THR D 175 14.50 -6.58 -25.35
C THR D 175 15.96 -6.87 -24.96
N ILE D 176 16.27 -8.15 -24.72
CA ILE D 176 17.64 -8.65 -24.45
C ILE D 176 18.13 -9.31 -25.75
N TYR D 177 19.43 -9.21 -26.06
CA TYR D 177 20.01 -9.77 -27.30
C TYR D 177 21.38 -10.40 -26.97
N PHE E 5 -11.98 12.60 -8.05
CA PHE E 5 -11.84 11.21 -7.54
C PHE E 5 -13.02 10.87 -6.61
N ASN E 6 -13.87 9.93 -7.03
CA ASN E 6 -15.05 9.43 -6.28
C ASN E 6 -14.66 8.23 -5.42
N TYR E 7 -14.83 8.35 -4.10
CA TYR E 7 -14.61 7.30 -3.07
C TYR E 7 -15.76 7.39 -2.06
N THR E 8 -16.41 6.26 -1.75
CA THR E 8 -17.46 6.13 -0.71
C THR E 8 -16.91 5.26 0.42
N VAL E 9 -17.21 5.64 1.65
CA VAL E 9 -16.94 4.84 2.86
C VAL E 9 -18.27 4.51 3.50
N LEU E 10 -18.32 3.47 4.31
CA LEU E 10 -19.50 3.23 5.16
C LEU E 10 -19.51 4.27 6.26
N PRO E 11 -20.68 4.82 6.64
CA PRO E 11 -20.75 5.85 7.66
C PRO E 11 -20.04 5.46 8.98
N SER E 12 -20.15 4.21 9.43
CA SER E 12 -19.65 3.81 10.78
C SER E 12 -18.11 3.76 10.82
N THR E 13 -17.43 3.75 9.66
CA THR E 13 -15.95 3.62 9.58
C THR E 13 -15.28 4.84 10.21
N SER E 14 -15.66 6.04 9.76
CA SER E 14 -15.13 7.35 10.27
C SER E 14 -15.54 7.51 11.74
N LEU E 15 -16.75 7.12 12.11
CA LEU E 15 -17.19 7.21 13.53
C LEU E 15 -16.25 6.38 14.41
N ALA E 16 -15.89 5.19 13.95
CA ALA E 16 -15.01 4.26 14.69
C ALA E 16 -13.64 4.90 14.77
N VAL E 17 -13.16 5.49 13.67
CA VAL E 17 -11.80 6.11 13.64
C VAL E 17 -11.75 7.15 14.75
N GLY E 18 -12.69 8.10 14.74
CA GLY E 18 -12.84 9.13 15.78
C GLY E 18 -12.96 8.52 17.16
N TYR E 19 -13.89 7.59 17.35
CA TYR E 19 -14.16 6.95 18.66
C TYR E 19 -12.86 6.37 19.22
N TYR E 20 -12.01 5.80 18.37
CA TYR E 20 -10.74 5.18 18.80
C TYR E 20 -9.72 6.27 19.16
N TYR E 21 -9.36 7.10 18.19
CA TYR E 21 -8.24 8.08 18.29
C TYR E 21 -8.61 9.30 19.15
N ASN E 22 -9.89 9.59 19.37
CA ASN E 22 -10.31 10.80 20.13
C ASN E 22 -10.91 10.39 21.47
N PHE E 23 -10.87 9.12 21.84
CA PHE E 23 -11.51 8.66 23.10
C PHE E 23 -10.71 7.49 23.70
N LEU E 24 -10.79 6.30 23.10
CA LEU E 24 -10.26 5.05 23.69
C LEU E 24 -8.76 5.18 23.94
N ARG E 25 -7.98 5.51 22.91
CA ARG E 25 -6.50 5.57 23.02
C ARG E 25 -6.11 6.69 23.99
N GLU E 26 -6.89 7.79 24.05
CA GLU E 26 -6.60 8.94 24.95
C GLU E 26 -6.71 8.46 26.40
N ILE E 27 -7.75 7.68 26.71
CA ILE E 27 -7.93 7.03 28.06
C ILE E 27 -6.74 6.12 28.31
N LEU E 28 -6.32 5.35 27.30
CA LEU E 28 -5.15 4.44 27.38
C LEU E 28 -3.91 5.26 27.76
N GLU E 29 -3.68 6.41 27.11
CA GLU E 29 -2.48 7.25 27.33
C GLU E 29 -2.56 7.95 28.71
N ALA E 30 -3.76 8.16 29.24
CA ALA E 30 -3.97 8.68 30.61
C ALA E 30 -3.65 7.56 31.61
N PHE E 31 -4.02 6.32 31.29
CA PHE E 31 -3.69 5.12 32.11
C PHE E 31 -2.17 4.91 32.12
N ASN E 32 -1.54 4.81 30.95
CA ASN E 32 -0.09 4.53 30.82
C ASN E 32 0.70 5.78 31.23
N ASN E 33 0.00 6.86 31.57
CA ASN E 33 0.68 8.07 32.11
C ASN E 33 0.43 8.07 33.61
N GLN E 34 -0.25 7.05 34.13
CA GLN E 34 -0.43 6.87 35.61
C GLN E 34 -1.39 7.91 36.17
N LYS E 35 -2.00 8.73 35.31
CA LYS E 35 -3.00 9.66 35.86
C LYS E 35 -4.05 8.79 36.52
N SER E 36 -4.45 9.11 37.75
CA SER E 36 -5.39 8.22 38.47
C SER E 36 -6.82 8.54 38.04
N ILE E 37 -7.77 7.79 38.57
CA ILE E 37 -9.21 8.03 38.24
C ILE E 37 -9.91 8.58 39.48
N GLN E 38 -10.55 9.74 39.36
CA GLN E 38 -11.39 10.32 40.45
C GLN E 38 -12.82 9.81 40.29
N ILE E 39 -13.26 8.97 41.24
CA ILE E 39 -14.59 8.32 41.28
C ILE E 39 -15.56 9.26 41.99
N ILE E 40 -16.68 9.58 41.36
CA ILE E 40 -17.75 10.41 41.96
C ILE E 40 -18.63 9.48 42.81
N LEU E 41 -18.25 9.27 44.07
CA LEU E 41 -18.98 8.35 45.00
C LEU E 41 -20.32 8.97 45.41
N GLU E 42 -20.34 10.27 45.72
CA GLU E 42 -21.58 10.92 46.22
C GLU E 42 -21.78 12.23 45.46
N ARG E 43 -23.04 12.56 45.17
CA ARG E 43 -23.40 13.79 44.43
C ARG E 43 -24.66 14.39 45.04
N ASP E 44 -24.92 15.66 44.74
CA ASP E 44 -26.13 16.36 45.26
C ASP E 44 -27.27 16.16 44.26
N ARG E 45 -28.44 16.71 44.59
CA ARG E 45 -29.68 16.57 43.78
C ARG E 45 -29.57 17.44 42.52
N THR E 46 -28.59 18.35 42.46
CA THR E 46 -28.40 19.30 41.34
C THR E 46 -27.56 18.68 40.24
N GLY E 47 -27.32 17.36 40.31
CA GLY E 47 -26.39 16.68 39.38
C GLY E 47 -24.99 17.26 39.50
N LYS E 48 -24.54 17.54 40.73
CA LYS E 48 -23.16 18.06 40.99
C LYS E 48 -22.44 17.11 41.94
N PRO E 49 -21.19 16.70 41.59
CA PRO E 49 -20.41 15.80 42.44
C PRO E 49 -20.09 16.43 43.81
N THR E 50 -20.01 15.59 44.85
CA THR E 50 -19.60 16.00 46.21
C THR E 50 -18.33 15.25 46.61
N LYS E 51 -18.32 13.92 46.47
CA LYS E 51 -17.16 13.07 46.88
C LYS E 51 -16.38 12.55 45.66
N THR E 52 -15.11 12.92 45.53
CA THR E 52 -14.19 12.42 44.47
C THR E 52 -13.10 11.57 45.15
N ILE E 53 -13.00 10.30 44.78
CA ILE E 53 -12.01 9.33 45.33
C ILE E 53 -10.80 9.30 44.41
N ASP E 54 -9.59 9.18 44.96
CA ASP E 54 -8.35 8.85 44.20
C ASP E 54 -8.24 7.32 44.09
N TYR E 55 -8.17 6.78 42.87
CA TYR E 55 -7.97 5.33 42.61
C TYR E 55 -6.72 5.12 41.76
N GLU E 56 -5.82 4.27 42.26
CA GLU E 56 -4.49 4.00 41.65
C GLU E 56 -4.71 3.15 40.38
N ILE E 57 -4.05 3.53 39.30
CA ILE E 57 -4.15 2.82 37.99
C ILE E 57 -3.06 1.75 37.94
N LYS E 58 -3.47 0.47 37.98
CA LYS E 58 -2.59 -0.70 38.16
C LYS E 58 -2.10 -1.24 36.81
N LYS E 59 -1.06 -2.07 36.85
CA LYS E 59 -0.40 -2.73 35.69
C LYS E 59 -1.43 -3.61 34.96
N PRO E 60 -2.19 -4.49 35.66
CA PRO E 60 -3.39 -5.09 35.06
C PRO E 60 -4.53 -4.08 34.90
N TYR E 61 -4.48 -3.27 33.83
CA TYR E 61 -5.47 -2.20 33.55
C TYR E 61 -6.86 -2.81 33.48
N PRO E 62 -7.91 -2.11 33.98
CA PRO E 62 -9.28 -2.59 33.82
C PRO E 62 -9.69 -2.52 32.33
N THR E 63 -10.36 -3.57 31.85
CA THR E 63 -10.79 -3.72 30.43
C THR E 63 -11.97 -2.79 30.18
N ILE E 64 -11.85 -1.93 29.17
CA ILE E 64 -12.93 -1.01 28.71
C ILE E 64 -13.93 -1.82 27.87
N GLU E 65 -15.17 -1.93 28.33
CA GLU E 65 -16.20 -2.75 27.67
C GLU E 65 -17.17 -1.83 26.89
N ILE E 66 -17.13 -1.93 25.57
CA ILE E 66 -18.02 -1.15 24.64
C ILE E 66 -19.30 -1.96 24.42
N ARG E 67 -20.42 -1.46 24.96
CA ARG E 67 -21.73 -2.15 24.96
C ARG E 67 -22.69 -1.43 24.01
N VAL E 68 -23.19 -2.14 22.99
CA VAL E 68 -23.99 -1.54 21.89
C VAL E 68 -25.34 -2.25 21.82
N PRO E 69 -26.46 -1.51 21.97
CA PRO E 69 -27.78 -2.11 21.77
C PRO E 69 -28.10 -2.38 20.30
N GLN E 70 -28.59 -3.58 19.98
CA GLN E 70 -28.99 -3.98 18.61
C GLN E 70 -30.07 -3.03 18.12
N ASN E 71 -30.87 -2.50 19.04
CA ASN E 71 -31.83 -1.40 18.76
C ASN E 71 -31.05 -0.08 18.88
N LEU E 72 -30.30 0.26 17.83
CA LEU E 72 -29.42 1.46 17.84
C LEU E 72 -30.28 2.72 18.07
N ALA E 73 -31.54 2.71 17.63
CA ALA E 73 -32.48 3.85 17.76
C ALA E 73 -32.76 4.19 19.23
N SER E 74 -32.46 3.28 20.16
CA SER E 74 -32.70 3.44 21.62
C SER E 74 -31.42 3.88 22.34
N LEU E 75 -30.31 4.11 21.62
CA LEU E 75 -29.00 4.39 22.26
C LEU E 75 -29.08 5.68 23.09
N LYS E 76 -29.72 6.73 22.57
CA LYS E 76 -29.86 8.04 23.25
C LYS E 76 -30.65 7.89 24.54
N LYS E 77 -31.47 6.84 24.67
CA LYS E 77 -32.18 6.52 25.92
C LYS E 77 -31.31 5.59 26.77
N GLU E 78 -30.60 4.64 26.14
CA GLU E 78 -29.78 3.62 26.84
C GLU E 78 -28.56 4.24 27.52
N VAL E 79 -28.26 5.53 27.29
CA VAL E 79 -27.06 6.21 27.86
C VAL E 79 -27.46 6.94 29.15
N LEU E 80 -28.76 7.07 29.42
CA LEU E 80 -29.28 7.74 30.64
C LEU E 80 -29.94 6.73 31.58
N THR E 81 -29.73 5.42 31.36
CA THR E 81 -30.44 4.39 32.17
C THR E 81 -29.53 3.78 33.23
N TRP E 82 -28.25 3.60 32.93
CA TRP E 82 -27.31 2.91 33.85
C TRP E 82 -26.94 3.74 35.08
N ASN E 83 -27.35 5.02 35.12
CA ASN E 83 -27.06 5.84 36.33
C ASN E 83 -27.83 5.25 37.52
N THR E 84 -27.58 3.98 37.84
CA THR E 84 -28.21 3.36 39.03
C THR E 84 -27.27 3.52 40.22
N SER E 85 -27.49 2.74 41.28
CA SER E 85 -26.68 2.83 42.52
C SER E 85 -25.40 1.98 42.43
N GLU E 86 -25.47 0.75 41.89
CA GLU E 86 -24.33 -0.21 41.91
C GLU E 86 -23.17 0.31 41.04
N TYR E 87 -23.47 0.99 39.93
CA TYR E 87 -22.47 1.62 39.02
C TYR E 87 -22.49 3.13 39.22
N LYS E 88 -21.32 3.77 39.14
CA LYS E 88 -21.17 5.24 39.37
C LYS E 88 -20.24 5.85 38.32
N GLN E 89 -20.39 7.15 38.08
CA GLN E 89 -19.61 7.90 37.07
C GLN E 89 -18.17 8.04 37.57
N ILE E 90 -17.21 7.99 36.65
CA ILE E 90 -15.77 8.33 36.88
C ILE E 90 -15.36 9.32 35.81
N PHE E 91 -14.25 10.02 36.01
CA PHE E 91 -13.69 10.95 35.00
C PHE E 91 -12.18 11.05 35.15
N ILE E 92 -11.51 11.23 34.03
CA ILE E 92 -10.02 11.27 33.92
C ILE E 92 -9.65 12.60 33.28
N ASN E 93 -8.92 13.43 34.01
CA ASN E 93 -8.37 14.70 33.50
C ASN E 93 -7.09 14.37 32.74
N ALA E 94 -7.21 14.13 31.42
CA ALA E 94 -6.08 13.81 30.51
C ALA E 94 -5.57 15.08 29.83
N ALA E 95 -4.30 15.06 29.41
CA ALA E 95 -3.57 16.20 28.82
C ALA E 95 -3.93 16.35 27.34
N SER E 96 -4.67 15.39 26.79
CA SER E 96 -5.08 15.34 25.36
C SER E 96 -6.18 16.37 25.09
N ARG E 97 -7.00 16.67 26.11
CA ARG E 97 -8.24 17.48 25.97
C ARG E 97 -8.37 18.41 27.18
N THR E 98 -8.92 19.61 26.94
CA THR E 98 -9.09 20.72 27.92
C THR E 98 -10.22 20.43 28.91
N TYR E 99 -11.07 19.42 28.66
CA TYR E 99 -12.12 18.94 29.60
C TYR E 99 -11.95 17.44 29.78
N PRO E 100 -12.27 16.89 30.98
CA PRO E 100 -11.95 15.50 31.29
C PRO E 100 -12.78 14.53 30.45
N PHE E 101 -12.41 13.25 30.50
CA PHE E 101 -13.13 12.14 29.83
C PHE E 101 -13.99 11.44 30.87
N PHE E 102 -15.31 11.47 30.70
CA PHE E 102 -16.28 10.88 31.65
C PHE E 102 -16.60 9.47 31.18
N LEU E 103 -16.52 8.50 32.09
CA LEU E 103 -16.93 7.10 31.84
C LEU E 103 -17.77 6.59 33.01
N GLN E 104 -18.20 5.33 32.94
CA GLN E 104 -18.94 4.61 34.02
C GLN E 104 -18.10 3.41 34.46
N GLY E 105 -18.19 3.04 35.75
CA GLY E 105 -17.37 1.99 36.37
C GLY E 105 -18.17 1.03 37.22
N GLU E 106 -17.70 -0.21 37.32
CA GLU E 106 -18.22 -1.27 38.23
C GLU E 106 -17.43 -1.21 39.55
N PHE E 107 -18.11 -1.06 40.68
CA PHE E 107 -17.41 -0.89 41.97
C PHE E 107 -18.01 -1.76 43.08
N LYS E 108 -17.27 -2.76 43.55
CA LYS E 108 -17.74 -3.54 44.73
C LYS E 108 -16.76 -3.15 45.83
N GLU E 109 -17.23 -2.58 46.93
CA GLU E 109 -16.29 -2.06 47.93
C GLU E 109 -15.38 -1.07 47.20
N ASP E 110 -14.07 -1.27 47.27
CA ASP E 110 -13.12 -0.38 46.54
C ASP E 110 -12.62 -1.09 45.29
N GLN E 111 -13.33 -2.09 44.78
CA GLN E 111 -12.78 -2.86 43.63
C GLN E 111 -13.38 -2.45 42.28
N ILE E 112 -12.58 -1.88 41.37
CA ILE E 112 -13.06 -1.61 39.98
C ILE E 112 -13.06 -2.93 39.21
N LEU E 113 -14.24 -3.52 38.97
CA LEU E 113 -14.40 -4.82 38.27
C LEU E 113 -14.32 -4.63 36.74
N SER E 114 -14.84 -3.51 36.24
CA SER E 114 -14.82 -3.15 34.80
C SER E 114 -15.18 -1.68 34.61
N ILE E 115 -14.69 -1.08 33.51
CA ILE E 115 -15.03 0.28 33.01
C ILE E 115 -15.84 0.14 31.71
N PHE E 116 -17.06 0.67 31.62
CA PHE E 116 -17.93 0.43 30.43
C PHE E 116 -18.44 1.73 29.80
N ASP E 117 -18.50 1.75 28.45
CA ASP E 117 -19.10 2.86 27.65
C ASP E 117 -20.10 2.31 26.61
N ILE E 118 -21.18 3.08 26.39
CA ILE E 118 -22.11 2.94 25.23
C ILE E 118 -21.82 4.05 24.22
N PRO E 119 -21.17 3.74 23.07
CA PRO E 119 -20.66 4.77 22.15
C PRO E 119 -21.79 5.57 21.50
N THR E 120 -22.03 6.78 22.00
CA THR E 120 -23.06 7.72 21.49
C THR E 120 -22.81 7.98 20.01
N THR E 121 -21.56 8.00 19.58
CA THR E 121 -21.19 8.35 18.18
C THR E 121 -21.86 7.39 17.21
N LEU E 122 -22.01 6.11 17.60
CA LEU E 122 -22.59 5.06 16.74
C LEU E 122 -24.07 5.39 16.43
N TYR E 123 -24.73 6.20 17.25
CA TYR E 123 -26.10 6.72 16.95
C TYR E 123 -26.10 7.48 15.63
N ALA E 124 -25.01 8.19 15.29
CA ALA E 124 -24.91 8.97 14.03
C ALA E 124 -25.05 8.03 12.81
N SER E 125 -24.67 6.76 12.98
CA SER E 125 -24.84 5.69 11.96
C SER E 125 -26.33 5.51 11.66
N TYR E 126 -27.13 5.33 12.71
CA TYR E 126 -28.61 5.17 12.65
C TYR E 126 -29.21 6.40 11.96
N LEU E 127 -28.80 7.58 12.39
CA LEU E 127 -29.33 8.86 11.88
C LEU E 127 -28.97 9.02 10.39
N THR E 128 -27.75 8.66 10.01
CA THR E 128 -27.33 8.71 8.59
C THR E 128 -28.25 7.81 7.76
N ILE E 129 -28.55 6.60 8.24
CA ILE E 129 -29.47 5.66 7.54
C ILE E 129 -30.85 6.32 7.41
N LYS E 130 -31.33 6.95 8.48
CA LYS E 130 -32.70 7.55 8.52
C LYS E 130 -32.74 8.79 7.63
N GLU E 131 -31.58 9.33 7.25
CA GLU E 131 -31.53 10.53 6.36
C GLU E 131 -31.34 10.12 4.88
N LEU E 132 -30.72 8.97 4.58
CA LEU E 132 -30.36 8.58 3.18
C LEU E 132 -31.45 7.73 2.51
N PHE E 133 -32.11 6.83 3.23
CA PHE E 133 -33.08 5.88 2.62
C PHE E 133 -34.52 6.38 2.79
N THR E 134 -35.35 6.13 1.77
CA THR E 134 -36.81 6.38 1.82
C THR E 134 -37.45 5.45 2.85
N ASP E 135 -38.38 5.98 3.63
CA ASP E 135 -39.02 5.29 4.79
C ASP E 135 -39.61 3.96 4.31
N SER E 136 -40.18 3.94 3.10
CA SER E 136 -40.78 2.71 2.51
C SER E 136 -39.72 1.63 2.30
N PHE E 137 -38.50 1.99 1.85
CA PHE E 137 -37.42 1.01 1.59
C PHE E 137 -36.96 0.35 2.89
N LEU E 138 -37.02 1.09 3.99
CA LEU E 138 -36.47 0.64 5.28
C LEU E 138 -37.43 -0.34 5.94
N LYS E 139 -38.73 -0.15 5.74
CA LYS E 139 -39.77 -1.01 6.35
C LYS E 139 -40.14 -2.16 5.40
N THR E 140 -39.31 -2.43 4.39
CA THR E 140 -39.50 -3.55 3.44
C THR E 140 -38.41 -4.58 3.67
N GLN E 141 -38.76 -5.85 3.89
CA GLN E 141 -37.80 -6.98 3.98
C GLN E 141 -36.81 -6.78 5.14
N ASN E 142 -37.23 -6.09 6.21
CA ASN E 142 -36.36 -5.78 7.39
C ASN E 142 -35.05 -5.14 6.92
N ASN E 143 -35.14 -4.14 6.03
CA ASN E 143 -33.96 -3.49 5.42
C ASN E 143 -33.31 -2.57 6.46
N GLU E 144 -34.11 -1.88 7.27
CA GLU E 144 -33.59 -1.00 8.35
C GLU E 144 -32.72 -1.83 9.29
N ARG E 145 -33.25 -2.96 9.79
CA ARG E 145 -32.56 -3.90 10.71
C ARG E 145 -31.25 -4.40 10.10
N LYS E 146 -31.29 -4.85 8.86
CA LYS E 146 -30.10 -5.36 8.13
C LYS E 146 -29.03 -4.26 8.10
N LEU E 147 -29.40 -3.03 7.74
CA LEU E 147 -28.45 -1.90 7.54
C LEU E 147 -27.84 -1.49 8.87
N ILE E 148 -28.66 -1.39 9.92
CA ILE E 148 -28.19 -1.12 11.32
C ILE E 148 -27.18 -2.19 11.76
N ASN E 149 -27.48 -3.48 11.55
CA ASN E 149 -26.59 -4.58 12.02
C ASN E 149 -25.27 -4.52 11.25
N LYS E 150 -25.33 -4.17 9.97
CA LYS E 150 -24.10 -4.07 9.15
C LYS E 150 -23.25 -2.90 9.66
N GLU E 151 -23.89 -1.80 10.09
CA GLU E 151 -23.19 -0.58 10.59
C GLU E 151 -22.50 -0.88 11.91
N ILE E 152 -23.17 -1.58 12.83
CA ILE E 152 -22.59 -2.01 14.14
C ILE E 152 -21.38 -2.91 13.90
N ARG E 153 -21.49 -3.92 13.04
CA ARG E 153 -20.41 -4.91 12.79
C ARG E 153 -19.25 -4.23 12.06
N ASN E 154 -19.52 -3.28 11.17
CA ASN E 154 -18.45 -2.51 10.48
C ASN E 154 -17.72 -1.61 11.48
N PHE E 155 -18.43 -1.13 12.51
CA PHE E 155 -17.87 -0.27 13.58
C PHE E 155 -16.87 -1.08 14.39
N GLU E 156 -17.30 -2.29 14.79
CA GLU E 156 -16.53 -3.24 15.62
C GLU E 156 -15.31 -3.67 14.82
N ARG E 157 -15.46 -3.95 13.52
CA ARG E 157 -14.34 -4.43 12.68
C ARG E 157 -13.28 -3.33 12.58
N THR E 158 -13.71 -2.09 12.36
CA THR E 158 -12.80 -0.92 12.21
C THR E 158 -12.04 -0.74 13.51
N LEU E 159 -12.71 -0.82 14.65
CA LEU E 159 -12.03 -0.79 15.97
C LEU E 159 -10.91 -1.83 15.99
N SER E 160 -11.22 -3.09 15.72
CA SER E 160 -10.27 -4.23 15.71
C SER E 160 -9.10 -3.94 14.77
N LYS E 161 -9.36 -3.44 13.57
CA LYS E 161 -8.28 -3.18 12.59
C LYS E 161 -7.37 -2.08 13.12
N LEU E 162 -7.95 -1.09 13.82
CA LEU E 162 -7.23 0.14 14.22
C LEU E 162 -6.25 -0.21 15.34
N ILE E 163 -6.65 -1.08 16.25
CA ILE E 163 -5.69 -1.58 17.29
C ILE E 163 -4.61 -2.44 16.62
N ASP E 164 -4.97 -3.26 15.63
CA ASP E 164 -4.00 -4.11 14.88
C ASP E 164 -2.97 -3.25 14.14
N ASP E 165 -3.34 -2.03 13.71
CA ASP E 165 -2.43 -1.08 12.99
C ASP E 165 -1.51 -0.39 14.01
N THR E 166 -2.08 0.28 15.02
CA THR E 166 -1.34 0.95 16.13
C THR E 166 -0.66 -0.13 17.00
N ILE E 167 -0.94 -1.42 16.72
CA ILE E 167 -0.35 -2.66 17.29
C ILE E 167 -0.44 -2.63 18.82
N GLU E 168 -1.58 -2.16 19.34
CA GLU E 168 -1.85 -2.00 20.79
C GLU E 168 -2.31 -3.36 21.35
N GLU E 169 -2.75 -3.36 22.61
CA GLU E 169 -3.19 -4.58 23.35
C GLU E 169 -4.72 -4.64 23.29
N LYS E 170 -5.34 -5.56 24.04
CA LYS E 170 -6.82 -5.70 24.16
C LYS E 170 -7.30 -4.89 25.36
N PHE E 171 -7.36 -3.56 25.25
CA PHE E 171 -7.83 -2.67 26.34
C PHE E 171 -9.36 -2.61 26.35
N TYR E 172 -10.01 -3.15 25.32
CA TYR E 172 -11.50 -3.17 25.18
C TYR E 172 -11.98 -4.59 24.86
N LYS E 173 -13.22 -4.87 25.27
CA LYS E 173 -14.06 -5.96 24.72
C LYS E 173 -15.33 -5.29 24.18
N PHE E 174 -15.83 -5.79 23.05
CA PHE E 174 -17.00 -5.24 22.33
C PHE E 174 -18.15 -6.25 22.49
N THR E 175 -19.24 -5.84 23.13
CA THR E 175 -20.42 -6.71 23.33
C THR E 175 -21.67 -6.01 22.81
N ILE E 176 -22.46 -6.72 22.01
CA ILE E 176 -23.78 -6.27 21.48
C ILE E 176 -24.85 -6.95 22.33
N TYR E 177 -25.91 -6.23 22.68
CA TYR E 177 -27.06 -6.74 23.48
C TYR E 177 -28.38 -6.27 22.83
N GLY F 1 -28.96 1.83 -3.44
CA GLY F 1 -30.24 2.49 -3.80
C GLY F 1 -31.07 2.83 -2.57
N GLY F 2 -32.38 2.61 -2.62
CA GLY F 2 -33.29 2.79 -1.48
C GLY F 2 -33.55 4.26 -1.18
N GLY F 3 -33.07 5.18 -2.02
CA GLY F 3 -33.29 6.61 -1.84
C GLY F 3 -32.02 7.39 -1.69
N MET F 4 -30.86 6.75 -1.82
CA MET F 4 -29.52 7.40 -1.86
C MET F 4 -29.37 8.16 -3.18
N PHE F 5 -29.94 7.62 -4.26
CA PHE F 5 -29.86 8.21 -5.62
C PHE F 5 -28.37 8.38 -5.94
N ASN F 6 -27.88 9.59 -6.21
CA ASN F 6 -26.48 9.77 -6.67
C ASN F 6 -25.59 10.33 -5.56
N TYR F 7 -25.78 9.88 -4.33
CA TYR F 7 -25.15 10.46 -3.12
C TYR F 7 -23.98 9.59 -2.68
N THR F 8 -22.81 10.22 -2.57
CA THR F 8 -21.55 9.64 -2.04
C THR F 8 -21.44 9.91 -0.55
N VAL F 9 -21.23 8.86 0.24
CA VAL F 9 -20.92 8.98 1.69
C VAL F 9 -19.41 9.16 1.83
N LEU F 10 -18.98 10.40 2.01
CA LEU F 10 -17.61 10.77 2.42
C LEU F 10 -17.48 10.58 3.93
N PRO F 11 -16.24 10.34 4.44
CA PRO F 11 -16.04 10.08 5.87
C PRO F 11 -16.61 11.18 6.77
N SER F 12 -16.60 12.43 6.30
CA SER F 12 -17.11 13.62 7.04
C SER F 12 -18.65 13.69 7.05
N THR F 13 -19.33 12.88 6.23
CA THR F 13 -20.82 12.90 6.22
C THR F 13 -21.33 12.51 7.62
N SER F 14 -20.95 11.32 8.08
CA SER F 14 -21.41 10.73 9.37
C SER F 14 -20.85 11.53 10.54
N LEU F 15 -19.63 12.03 10.45
CA LEU F 15 -19.01 12.87 11.51
C LEU F 15 -19.86 14.13 11.75
N ALA F 16 -20.28 14.81 10.67
CA ALA F 16 -21.18 15.99 10.69
C ALA F 16 -22.53 15.61 11.31
N VAL F 17 -23.12 14.49 10.90
CA VAL F 17 -24.45 14.06 11.42
C VAL F 17 -24.34 13.96 12.94
N GLY F 18 -23.27 13.35 13.45
CA GLY F 18 -23.05 13.13 14.89
C GLY F 18 -22.73 14.45 15.59
N TYR F 19 -21.88 15.25 14.99
CA TYR F 19 -21.52 16.57 15.55
C TYR F 19 -22.80 17.38 15.76
N TYR F 20 -23.70 17.37 14.79
CA TYR F 20 -24.97 18.12 14.80
C TYR F 20 -25.92 17.54 15.87
N TYR F 21 -26.22 16.24 15.80
CA TYR F 21 -27.30 15.66 16.64
C TYR F 21 -26.81 15.34 18.06
N ASN F 22 -25.52 15.13 18.25
CA ASN F 22 -24.97 14.70 19.57
C ASN F 22 -24.15 15.82 20.25
N PHE F 23 -24.09 17.02 19.66
CA PHE F 23 -23.38 18.20 20.23
C PHE F 23 -24.17 19.49 20.03
N LEU F 24 -24.20 20.02 18.80
CA LEU F 24 -24.83 21.33 18.47
C LEU F 24 -26.29 21.34 18.94
N ARG F 25 -27.10 20.38 18.48
CA ARG F 25 -28.55 20.36 18.78
C ARG F 25 -28.76 20.19 20.28
N GLU F 26 -27.85 19.49 20.96
CA GLU F 26 -27.90 19.24 22.43
C GLU F 26 -27.67 20.56 23.18
N ILE F 27 -26.67 21.34 22.75
CA ILE F 27 -26.39 22.71 23.29
C ILE F 27 -27.60 23.60 23.01
N LEU F 28 -28.05 23.70 21.75
CA LEU F 28 -29.23 24.54 21.36
C LEU F 28 -30.45 24.21 22.24
N GLU F 29 -30.73 22.94 22.51
CA GLU F 29 -31.92 22.50 23.30
C GLU F 29 -31.67 22.77 24.79
N ALA F 30 -30.41 22.78 25.23
CA ALA F 30 -30.00 23.11 26.62
C ALA F 30 -30.12 24.63 26.85
N PHE F 31 -30.00 25.42 25.78
CA PHE F 31 -30.27 26.89 25.76
C PHE F 31 -31.78 27.10 25.90
N ASN F 32 -32.56 26.45 25.04
CA ASN F 32 -34.05 26.53 24.97
C ASN F 32 -34.67 25.87 26.22
N ASN F 33 -33.97 24.93 26.86
CA ASN F 33 -34.44 24.29 28.13
C ASN F 33 -33.95 25.13 29.33
N GLN F 34 -33.70 26.42 29.12
CA GLN F 34 -33.35 27.43 30.16
C GLN F 34 -32.38 26.81 31.16
N LYS F 35 -31.29 26.20 30.68
CA LYS F 35 -30.17 25.70 31.53
C LYS F 35 -28.95 26.58 31.26
N SER F 36 -28.78 27.66 32.02
CA SER F 36 -27.74 28.70 31.79
C SER F 36 -26.34 28.10 31.97
N ILE F 37 -25.35 28.72 31.34
CA ILE F 37 -23.94 28.23 31.23
C ILE F 37 -23.18 28.51 32.54
N GLN F 38 -22.23 27.64 32.88
CA GLN F 38 -21.35 27.78 34.07
C GLN F 38 -19.91 28.05 33.60
N ILE F 39 -19.37 29.25 33.86
CA ILE F 39 -17.99 29.66 33.44
C ILE F 39 -17.04 29.39 34.60
N ILE F 40 -15.92 28.72 34.31
CA ILE F 40 -14.81 28.49 35.27
C ILE F 40 -13.89 29.72 35.21
N LEU F 41 -13.85 30.49 36.31
CA LEU F 41 -12.92 31.65 36.44
C LEU F 41 -11.58 31.15 36.95
N GLU F 42 -11.54 30.74 38.22
CA GLU F 42 -10.32 30.31 38.92
C GLU F 42 -10.32 28.78 38.99
N ARG F 43 -9.15 28.19 38.78
CA ARG F 43 -8.88 26.75 38.90
C ARG F 43 -7.64 26.57 39.77
N ASP F 44 -7.54 25.45 40.48
CA ASP F 44 -6.34 25.10 41.30
C ASP F 44 -5.28 24.50 40.38
N ARG F 45 -4.25 23.89 40.97
CA ARG F 45 -3.12 23.24 40.23
C ARG F 45 -3.40 21.73 40.08
N THR F 46 -4.56 21.27 40.57
CA THR F 46 -5.08 19.91 40.30
C THR F 46 -5.87 19.92 38.98
N GLY F 47 -5.96 21.09 38.34
CA GLY F 47 -6.81 21.33 37.14
C GLY F 47 -8.27 21.12 37.46
N LYS F 48 -8.74 21.61 38.62
CA LYS F 48 -10.12 21.42 39.15
C LYS F 48 -10.75 22.79 39.41
N PRO F 49 -11.97 23.07 38.87
CA PRO F 49 -12.59 24.39 39.04
C PRO F 49 -12.87 24.67 40.52
N THR F 50 -12.52 25.89 40.98
CA THR F 50 -12.78 26.34 42.39
C THR F 50 -13.71 27.55 42.40
N LYS F 51 -13.56 28.49 41.46
CA LYS F 51 -14.49 29.63 41.28
C LYS F 51 -15.27 29.44 39.97
N THR F 52 -16.61 29.38 40.07
CA THR F 52 -17.53 29.15 38.93
C THR F 52 -18.68 30.16 38.97
N ILE F 53 -18.93 30.82 37.84
CA ILE F 53 -20.04 31.79 37.63
C ILE F 53 -21.19 31.07 36.91
N ASP F 54 -22.44 31.39 37.28
CA ASP F 54 -23.66 31.19 36.45
C ASP F 54 -23.85 32.44 35.58
N TYR F 55 -24.00 32.28 34.26
CA TYR F 55 -24.18 33.42 33.31
C TYR F 55 -25.49 33.26 32.55
N GLU F 56 -26.15 34.39 32.30
CA GLU F 56 -27.49 34.50 31.65
C GLU F 56 -27.38 34.41 30.12
N ILE F 57 -28.22 33.57 29.53
CA ILE F 57 -28.35 33.38 28.04
C ILE F 57 -29.80 33.65 27.66
N LYS F 58 -30.06 34.68 26.84
CA LYS F 58 -31.44 35.09 26.48
C LYS F 58 -31.76 34.73 25.03
N LYS F 59 -32.93 35.13 24.54
CA LYS F 59 -33.42 34.80 23.17
C LYS F 59 -32.49 35.37 22.09
N PRO F 60 -31.73 36.47 22.29
CA PRO F 60 -30.61 36.78 21.39
C PRO F 60 -29.53 35.72 21.68
N TYR F 61 -29.77 34.47 21.29
CA TYR F 61 -28.92 33.31 21.67
C TYR F 61 -27.56 33.45 20.97
N PRO F 62 -26.45 33.18 21.68
CA PRO F 62 -25.12 33.35 21.09
C PRO F 62 -24.91 32.40 19.91
N THR F 63 -24.37 32.93 18.81
CA THR F 63 -24.02 32.11 17.62
C THR F 63 -22.82 31.25 17.98
N ILE F 64 -22.99 29.92 17.91
CA ILE F 64 -21.90 28.94 18.13
C ILE F 64 -20.97 29.02 16.91
N GLU F 65 -19.73 29.42 17.13
CA GLU F 65 -18.72 29.55 16.04
C GLU F 65 -17.90 28.26 15.97
N ILE F 66 -17.99 27.55 14.84
CA ILE F 66 -17.24 26.29 14.57
C ILE F 66 -15.96 26.68 13.85
N ARG F 67 -14.82 26.49 14.51
CA ARG F 67 -13.52 27.00 14.01
C ARG F 67 -12.64 25.81 13.62
N VAL F 68 -12.32 25.72 12.33
CA VAL F 68 -11.62 24.55 11.75
C VAL F 68 -10.33 25.04 11.10
N PRO F 69 -9.16 24.49 11.48
CA PRO F 69 -7.94 24.79 10.74
C PRO F 69 -7.96 24.05 9.39
N GLN F 70 -7.64 24.77 8.31
CA GLN F 70 -7.35 24.16 6.99
C GLN F 70 -6.26 23.10 7.14
N ASN F 71 -5.28 23.32 8.03
CA ASN F 71 -4.25 22.30 8.38
C ASN F 71 -4.84 21.33 9.40
N LEU F 72 -5.68 20.40 8.90
CA LEU F 72 -6.53 19.54 9.76
C LEU F 72 -5.66 18.63 10.63
N ALA F 73 -4.45 18.30 10.17
CA ALA F 73 -3.51 17.42 10.88
C ALA F 73 -3.13 18.04 12.23
N SER F 74 -3.27 19.36 12.35
CA SER F 74 -2.87 20.15 13.54
C SER F 74 -4.00 20.23 14.56
N LEU F 75 -5.22 19.78 14.22
CA LEU F 75 -6.44 20.13 15.00
C LEU F 75 -6.26 19.70 16.47
N LYS F 76 -5.68 18.54 16.73
CA LYS F 76 -5.53 18.01 18.12
C LYS F 76 -4.54 18.86 18.91
N LYS F 77 -3.74 19.70 18.23
CA LYS F 77 -2.83 20.69 18.87
C LYS F 77 -3.55 22.02 19.04
N GLU F 78 -4.30 22.48 18.02
CA GLU F 78 -5.08 23.75 18.04
C GLU F 78 -6.23 23.69 19.06
N VAL F 79 -6.55 22.53 19.66
CA VAL F 79 -7.57 22.41 20.75
C VAL F 79 -6.91 22.64 22.12
N LEU F 80 -5.58 22.71 22.17
CA LEU F 80 -4.83 23.00 23.42
C LEU F 80 -4.33 24.45 23.41
N THR F 81 -4.30 25.12 22.24
CA THR F 81 -3.74 26.48 22.01
C THR F 81 -4.79 27.58 22.22
N TRP F 82 -6.06 27.28 21.93
CA TRP F 82 -7.21 28.22 22.09
C TRP F 82 -7.77 28.14 23.51
N ASN F 83 -6.95 27.75 24.49
CA ASN F 83 -7.24 27.91 25.93
C ASN F 83 -6.30 28.98 26.50
N THR F 84 -6.17 30.11 25.77
CA THR F 84 -5.41 31.33 26.19
C THR F 84 -6.19 32.00 27.34
N SER F 85 -5.56 32.93 28.06
CA SER F 85 -6.13 33.60 29.26
C SER F 85 -7.42 34.35 28.91
N GLU F 86 -7.43 35.07 27.77
CA GLU F 86 -8.63 35.79 27.24
C GLU F 86 -9.80 34.83 27.08
N TYR F 87 -9.53 33.56 26.73
CA TYR F 87 -10.53 32.48 26.58
C TYR F 87 -10.68 31.74 27.91
N LYS F 88 -11.91 31.37 28.26
CA LYS F 88 -12.18 30.50 29.44
C LYS F 88 -13.13 29.36 29.05
N GLN F 89 -12.99 28.24 29.75
CA GLN F 89 -13.80 27.02 29.55
C GLN F 89 -15.16 27.21 30.23
N ILE F 90 -16.24 27.09 29.47
CA ILE F 90 -17.64 27.08 29.99
C ILE F 90 -18.17 25.66 29.89
N PHE F 91 -19.20 25.35 30.67
CA PHE F 91 -19.86 24.02 30.63
C PHE F 91 -21.35 24.18 30.95
N ILE F 92 -22.13 23.26 30.37
CA ILE F 92 -23.61 23.21 30.42
C ILE F 92 -24.00 21.81 30.90
N ASN F 93 -24.71 21.73 32.02
CA ASN F 93 -25.28 20.47 32.53
C ASN F 93 -26.65 20.31 31.87
N ALA F 94 -26.71 19.63 30.72
CA ALA F 94 -27.95 19.31 29.98
C ALA F 94 -28.46 17.92 30.41
N ALA F 95 -29.76 17.69 30.26
CA ALA F 95 -30.45 16.44 30.68
C ALA F 95 -30.23 15.32 29.66
N SER F 96 -29.72 15.66 28.46
CA SER F 96 -29.44 14.74 27.33
C SER F 96 -28.27 13.80 27.63
N ARG F 97 -27.32 14.21 28.48
CA ARG F 97 -26.07 13.45 28.75
C ARG F 97 -25.77 13.43 30.25
N THR F 98 -25.10 12.36 30.71
CA THR F 98 -24.70 12.12 32.13
C THR F 98 -23.36 12.80 32.47
N TYR F 99 -22.78 13.55 31.52
CA TYR F 99 -21.68 14.51 31.74
C TYR F 99 -22.01 15.78 30.98
N PRO F 100 -21.54 16.95 31.45
CA PRO F 100 -21.92 18.21 30.81
C PRO F 100 -21.15 18.43 29.50
N PHE F 101 -21.66 19.37 28.68
CA PHE F 101 -21.02 19.82 27.41
C PHE F 101 -20.07 20.98 27.74
N PHE F 102 -18.79 20.82 27.38
CA PHE F 102 -17.70 21.82 27.57
C PHE F 102 -17.48 22.60 26.28
N LEU F 103 -17.43 23.93 26.37
CA LEU F 103 -17.07 24.83 25.24
C LEU F 103 -16.02 25.84 25.70
N GLN F 104 -15.50 26.60 24.73
CA GLN F 104 -14.58 27.74 24.97
C GLN F 104 -15.34 29.02 24.64
N GLY F 105 -15.08 30.06 25.44
CA GLY F 105 -15.70 31.40 25.30
C GLY F 105 -14.63 32.48 25.39
N GLU F 106 -14.74 33.49 24.54
CA GLU F 106 -13.92 34.72 24.60
C GLU F 106 -14.67 35.75 25.45
N PHE F 107 -13.99 36.32 26.44
CA PHE F 107 -14.64 37.26 27.36
C PHE F 107 -13.90 38.58 27.36
N LYS F 108 -14.34 39.54 26.54
CA LYS F 108 -13.72 40.89 26.59
C LYS F 108 -14.40 41.63 27.75
N GLU F 109 -13.62 42.05 28.75
CA GLU F 109 -14.20 42.68 29.97
C GLU F 109 -15.14 41.68 30.66
N ASP F 110 -16.36 42.10 30.97
CA ASP F 110 -17.32 41.23 31.70
C ASP F 110 -18.28 40.56 30.71
N GLN F 111 -18.08 40.76 29.42
CA GLN F 111 -19.08 40.25 28.44
C GLN F 111 -18.51 39.13 27.56
N ILE F 112 -19.36 38.17 27.15
CA ILE F 112 -18.94 37.09 26.24
C ILE F 112 -18.92 37.67 24.82
N LEU F 113 -17.77 37.56 24.14
CA LEU F 113 -17.64 38.00 22.74
C LEU F 113 -18.05 36.85 21.83
N SER F 114 -17.77 35.61 22.24
CA SER F 114 -18.00 34.43 21.38
C SER F 114 -18.05 33.13 22.20
N ILE F 115 -18.88 32.18 21.75
CA ILE F 115 -18.80 30.75 22.19
C ILE F 115 -18.29 29.95 20.99
N PHE F 116 -17.18 29.26 21.13
CA PHE F 116 -16.57 28.61 19.94
C PHE F 116 -16.17 27.17 20.24
N ASP F 117 -16.09 26.38 19.16
CA ASP F 117 -15.55 25.00 19.21
C ASP F 117 -14.73 24.73 17.96
N ILE F 118 -13.70 23.90 18.14
CA ILE F 118 -12.90 23.29 17.05
C ILE F 118 -13.27 21.82 17.01
N PRO F 119 -14.05 21.37 15.99
CA PRO F 119 -14.71 20.07 16.01
C PRO F 119 -13.67 18.94 15.88
N THR F 120 -13.30 18.37 17.04
CA THR F 120 -12.27 17.33 17.16
C THR F 120 -12.66 16.17 16.27
N THR F 121 -13.96 15.89 16.14
CA THR F 121 -14.52 14.78 15.31
C THR F 121 -14.00 14.92 13.88
N LEU F 122 -13.82 16.14 13.40
CA LEU F 122 -13.40 16.39 11.99
C LEU F 122 -11.96 15.88 11.77
N TYR F 123 -11.14 15.81 12.83
CA TYR F 123 -9.79 15.19 12.78
C TYR F 123 -9.88 13.74 12.26
N ALA F 124 -10.95 13.00 12.62
CA ALA F 124 -11.20 11.60 12.20
C ALA F 124 -11.25 11.52 10.66
N SER F 125 -11.72 12.58 10.02
CA SER F 125 -11.79 12.68 8.54
C SER F 125 -10.37 12.59 7.97
N TYR F 126 -9.44 13.33 8.56
CA TYR F 126 -8.00 13.32 8.18
C TYR F 126 -7.40 11.92 8.43
N LEU F 127 -7.66 11.34 9.61
CA LEU F 127 -7.14 10.00 9.99
C LEU F 127 -7.67 8.93 9.03
N THR F 128 -8.97 8.93 8.73
CA THR F 128 -9.63 8.02 7.75
C THR F 128 -8.90 8.11 6.40
N ILE F 129 -8.65 9.32 5.88
CA ILE F 129 -7.87 9.53 4.63
C ILE F 129 -6.51 8.83 4.76
N LYS F 130 -5.77 9.07 5.85
CA LYS F 130 -4.39 8.56 6.05
C LYS F 130 -4.42 7.02 6.09
N GLU F 131 -5.53 6.45 6.55
CA GLU F 131 -5.76 4.99 6.75
C GLU F 131 -6.21 4.33 5.44
N LEU F 132 -7.01 5.01 4.60
CA LEU F 132 -7.60 4.44 3.36
C LEU F 132 -6.61 4.57 2.20
N PHE F 133 -5.79 5.62 2.17
CA PHE F 133 -4.96 5.96 0.98
C PHE F 133 -3.49 5.63 1.21
N THR F 134 -2.82 5.23 0.12
CA THR F 134 -1.39 4.85 0.08
C THR F 134 -0.57 6.15 0.17
N ASP F 135 0.57 6.11 0.87
CA ASP F 135 1.41 7.32 1.05
C ASP F 135 1.81 7.88 -0.32
N SER F 136 2.02 7.00 -1.29
CA SER F 136 2.41 7.37 -2.67
C SER F 136 1.35 8.31 -3.27
N PHE F 137 0.08 7.92 -3.15
CA PHE F 137 -1.07 8.67 -3.76
C PHE F 137 -1.15 10.06 -3.15
N LEU F 138 -1.07 10.16 -1.82
CA LEU F 138 -1.33 11.43 -1.09
C LEU F 138 -0.30 12.48 -1.50
N LYS F 139 0.96 12.09 -1.69
CA LYS F 139 2.05 13.06 -1.97
C LYS F 139 2.21 13.30 -3.47
N THR F 140 1.41 12.66 -4.31
CA THR F 140 1.57 12.73 -5.79
C THR F 140 1.16 14.11 -6.31
N GLN F 141 -0.06 14.59 -6.07
CA GLN F 141 -0.54 15.82 -6.75
C GLN F 141 -1.35 16.69 -5.80
N ASN F 142 -0.74 17.15 -4.71
CA ASN F 142 -1.51 17.84 -3.66
C ASN F 142 -2.78 17.02 -3.37
N ASN F 143 -2.70 15.70 -3.51
CA ASN F 143 -3.89 14.81 -3.37
C ASN F 143 -4.38 14.91 -1.92
N GLU F 144 -3.46 14.85 -0.94
CA GLU F 144 -3.78 14.96 0.50
C GLU F 144 -4.51 16.29 0.76
N ARG F 145 -4.01 17.38 0.20
CA ARG F 145 -4.59 18.72 0.41
C ARG F 145 -6.01 18.72 -0.18
N LYS F 146 -6.17 18.23 -1.41
CA LYS F 146 -7.45 18.23 -2.16
C LYS F 146 -8.50 17.43 -1.38
N LEU F 147 -8.10 16.29 -0.82
CA LEU F 147 -9.00 15.38 -0.06
C LEU F 147 -9.35 16.06 1.27
N ILE F 148 -8.38 16.66 1.96
CA ILE F 148 -8.65 17.36 3.25
C ILE F 148 -9.64 18.50 2.99
N ASN F 149 -9.44 19.29 1.93
CA ASN F 149 -10.33 20.42 1.61
C ASN F 149 -11.73 19.88 1.35
N LYS F 150 -11.83 18.88 0.47
CA LYS F 150 -13.14 18.27 0.09
C LYS F 150 -13.88 17.82 1.36
N GLU F 151 -13.14 17.22 2.30
CA GLU F 151 -13.73 16.67 3.55
C GLU F 151 -14.29 17.84 4.36
N ILE F 152 -13.52 18.92 4.47
CA ILE F 152 -13.90 20.09 5.32
C ILE F 152 -15.17 20.70 4.75
N ARG F 153 -15.22 20.97 3.45
CA ARG F 153 -16.42 21.59 2.80
C ARG F 153 -17.61 20.64 2.93
N ASN F 154 -17.42 19.34 2.71
CA ASN F 154 -18.52 18.35 2.81
C ASN F 154 -19.12 18.41 4.22
N PHE F 155 -18.28 18.58 5.24
CA PHE F 155 -18.66 18.65 6.68
C PHE F 155 -19.55 19.89 6.91
N GLU F 156 -19.12 21.02 6.34
CA GLU F 156 -19.83 22.33 6.39
C GLU F 156 -21.16 22.19 5.65
N ARG F 157 -21.15 21.57 4.47
CA ARG F 157 -22.37 21.43 3.65
C ARG F 157 -23.37 20.53 4.38
N THR F 158 -22.91 19.43 4.98
CA THR F 158 -23.76 18.45 5.71
C THR F 158 -24.42 19.17 6.90
N LEU F 159 -23.66 19.93 7.68
CA LEU F 159 -24.20 20.71 8.82
C LEU F 159 -25.32 21.63 8.32
N SER F 160 -25.08 22.31 7.21
CA SER F 160 -26.00 23.29 6.58
C SER F 160 -27.30 22.57 6.21
N LYS F 161 -27.19 21.46 5.47
CA LYS F 161 -28.37 20.71 4.95
C LYS F 161 -29.14 20.04 6.09
N LEU F 162 -28.55 19.80 7.25
CA LEU F 162 -29.24 19.08 8.36
C LEU F 162 -30.25 20.00 9.03
N ILE F 163 -29.95 21.30 9.11
CA ILE F 163 -30.91 22.35 9.56
C ILE F 163 -32.12 22.39 8.60
N ASP F 164 -33.34 22.38 9.16
CA ASP F 164 -34.63 22.41 8.41
C ASP F 164 -34.99 23.86 8.03
N ASP F 165 -34.96 24.19 6.72
CA ASP F 165 -35.19 25.57 6.20
C ASP F 165 -36.66 25.97 6.27
N THR F 166 -37.55 25.09 6.75
CA THR F 166 -39.02 25.36 6.85
C THR F 166 -39.34 26.02 8.19
N ILE F 167 -38.62 25.70 9.26
CA ILE F 167 -38.94 26.17 10.64
C ILE F 167 -37.67 26.64 11.38
N GLU F 168 -36.48 26.25 10.91
CA GLU F 168 -35.19 26.40 11.65
C GLU F 168 -34.43 27.64 11.14
N GLU F 169 -33.83 28.35 12.09
CA GLU F 169 -32.86 29.45 11.89
C GLU F 169 -31.46 28.85 11.97
N LYS F 170 -30.52 29.34 11.17
CA LYS F 170 -29.07 28.97 11.27
C LYS F 170 -28.48 29.50 12.59
N PHE F 171 -28.17 28.59 13.52
CA PHE F 171 -27.75 28.89 14.91
C PHE F 171 -26.24 28.71 15.09
N TYR F 172 -25.51 28.53 13.97
CA TYR F 172 -24.05 28.31 14.00
C TYR F 172 -23.36 29.12 12.90
N LYS F 173 -22.09 29.44 13.15
CA LYS F 173 -21.17 30.07 12.17
C LYS F 173 -20.02 29.09 11.93
N PHE F 174 -19.66 28.90 10.66
CA PHE F 174 -18.58 27.98 10.22
C PHE F 174 -17.49 28.80 9.54
N THR F 175 -16.33 28.90 10.18
CA THR F 175 -15.17 29.68 9.67
C THR F 175 -13.94 28.77 9.63
N ILE F 176 -13.23 28.82 8.50
CA ILE F 176 -11.94 28.12 8.25
C ILE F 176 -10.83 29.16 8.31
N TYR F 177 -9.77 28.88 9.05
CA TYR F 177 -8.66 29.83 9.30
C TYR F 177 -7.34 29.18 8.91
#